data_1JS8
#
_entry.id   1JS8
#
_cell.length_a   92.860
_cell.length_b   168.390
_cell.length_c   58.290
_cell.angle_alpha   90.00
_cell.angle_beta   90.00
_cell.angle_gamma   90.00
#
_symmetry.space_group_name_H-M   'P 21 21 21'
#
loop_
_entity.id
_entity.type
_entity.pdbx_description
1 polymer Hemocyanin
2 branched alpha-D-mannopyranose-(1-3)-[alpha-D-mannopyranose-(1-6)]alpha-D-mannopyranose-(1-6)-[beta-D-mannopyranose-(1-3)]beta-D-mannopyranose-(1-4)-2-acetamido-2-deoxy-beta-D-glucopyranose-(1-4)-2-acetamido-2-deoxy-alpha-D-glucopyranose
3 branched 2-acetamido-2-deoxy-beta-D-glucopyranose-(1-4)-2-acetamido-2-deoxy-beta-D-glucopyranose
4 branched alpha-D-mannopyranose-(1-3)-[beta-D-mannopyranose-(1-6)]alpha-D-mannopyranose
5 non-polymer alpha-D-mannopyranose
6 non-polymer 'CU2-O2 CLUSTER'
7 water water
#
_entity_poly.entity_id   1
_entity_poly.type   'polypeptide(L)'
_entity_poly.pdbx_seq_one_letter_code
;AIIRKNVNSLTPSDIKELRDAMAKVQADTSDNGYQKIASYHGIPLSCHYENGTAYACCQHGMVTFPNWHRLLTKQMEDAL
VAKGSHVGIPYWDWTTTFANLPVLVTEEKDNSFHHAHIDVANTDTTRSPRAQLFDDPDKGDKSFFYRQIALALEQTDFCD
FEIQFEIGHNAIHSWVGGSSPYGMSTLHYTSYDPLFYLHHSNTDRIWSVWQALQKYRGLPYNTANCEINKLVKPLKPFNL
DTNPNAVTKAHSTGATSFDYHKLGYDYDNLNFHGMTIPELEEHLKEIQHEDRVFAGFLLRTIGQSADVNFDVCTKDGECT
FGGTFCILGGEHEMFWAFDRLFKYDITTSLKHLRLDAHDDFDIKVTIKGIDGHVLSNKYLSPPTVFLAPAKTTH
;
_entity_poly.pdbx_strand_id   A,B
#
# COMPACT_ATOMS: atom_id res chain seq x y z
N ALA A 1 39.63 -4.24 9.32
CA ALA A 1 38.19 -4.62 9.23
C ALA A 1 38.00 -5.97 9.88
N ILE A 2 37.03 -6.06 10.78
CA ILE A 2 36.74 -7.30 11.47
C ILE A 2 35.84 -8.15 10.59
N ILE A 3 36.18 -9.43 10.42
CA ILE A 3 35.45 -10.34 9.55
C ILE A 3 34.35 -11.16 10.18
N ARG A 4 33.22 -11.20 9.50
CA ARG A 4 32.10 -11.99 9.94
C ARG A 4 32.11 -13.15 9.00
N LYS A 5 32.15 -14.33 9.56
CA LYS A 5 32.19 -15.48 8.72
C LYS A 5 31.13 -16.48 9.01
N ASN A 6 30.97 -17.39 8.07
CA ASN A 6 30.00 -18.44 8.18
C ASN A 6 30.30 -19.23 9.44
N VAL A 7 29.32 -19.36 10.31
CA VAL A 7 29.50 -20.11 11.55
C VAL A 7 30.15 -21.45 11.32
N ASN A 8 29.80 -22.12 10.23
CA ASN A 8 30.38 -23.43 10.02
C ASN A 8 31.75 -23.45 9.38
N SER A 9 32.39 -22.30 9.30
CA SER A 9 33.73 -22.23 8.76
C SER A 9 34.65 -21.69 9.88
N LEU A 10 34.13 -21.70 11.11
CA LEU A 10 34.88 -21.23 12.26
C LEU A 10 35.91 -22.24 12.73
N THR A 11 37.12 -21.76 13.05
CA THR A 11 38.16 -22.65 13.54
C THR A 11 37.94 -22.81 15.05
N PRO A 12 38.37 -23.95 15.64
CA PRO A 12 38.22 -24.19 17.08
C PRO A 12 38.71 -23.05 17.98
N SER A 13 39.70 -22.31 17.52
CA SER A 13 40.21 -21.18 18.28
C SER A 13 39.20 -20.03 18.14
N ASP A 14 38.65 -19.86 16.94
CA ASP A 14 37.64 -18.82 16.70
C ASP A 14 36.52 -19.04 17.72
N ILE A 15 36.01 -20.27 17.75
CA ILE A 15 34.93 -20.66 18.64
C ILE A 15 35.23 -20.41 20.08
N LYS A 16 36.42 -20.81 20.51
CA LYS A 16 36.83 -20.60 21.90
C LYS A 16 36.90 -19.10 22.23
N GLU A 17 37.54 -18.30 21.39
CA GLU A 17 37.64 -16.86 21.66
C GLU A 17 36.26 -16.20 21.71
N LEU A 18 35.34 -16.68 20.87
CA LEU A 18 33.98 -16.12 20.80
C LEU A 18 33.22 -16.48 22.04
N ARG A 19 33.32 -17.74 22.44
CA ARG A 19 32.62 -18.19 23.62
C ARG A 19 33.14 -17.45 24.85
N ASP A 20 34.45 -17.23 24.88
CA ASP A 20 35.08 -16.53 25.98
C ASP A 20 34.67 -15.07 25.96
N ALA A 21 34.92 -14.37 24.86
CA ALA A 21 34.55 -12.96 24.77
C ALA A 21 33.07 -12.79 25.11
N MET A 22 32.22 -13.74 24.70
CA MET A 22 30.79 -13.65 24.99
C MET A 22 30.49 -13.84 26.47
N ALA A 23 31.25 -14.72 27.13
CA ALA A 23 31.04 -14.94 28.56
C ALA A 23 31.36 -13.68 29.33
N LYS A 24 32.37 -12.95 28.88
CA LYS A 24 32.79 -11.72 29.53
C LYS A 24 31.82 -10.56 29.27
N VAL A 25 31.24 -10.54 28.07
CA VAL A 25 30.29 -9.49 27.75
C VAL A 25 29.05 -9.72 28.58
N GLN A 26 28.70 -11.00 28.78
CA GLN A 26 27.53 -11.36 29.57
C GLN A 26 27.66 -11.07 31.06
N ALA A 27 28.89 -11.07 31.57
CA ALA A 27 29.16 -10.81 32.97
C ALA A 27 29.34 -9.34 33.23
N ASP A 28 29.67 -8.59 32.18
CA ASP A 28 29.86 -7.14 32.28
C ASP A 28 28.55 -6.36 32.60
N THR A 29 28.54 -5.63 33.72
CA THR A 29 27.36 -4.83 34.13
C THR A 29 27.34 -3.39 33.65
N SER A 30 28.35 -2.99 32.87
CA SER A 30 28.38 -1.64 32.37
C SER A 30 27.37 -1.45 31.21
N ASP A 31 27.37 -0.24 30.66
CA ASP A 31 26.50 0.10 29.55
C ASP A 31 26.91 -0.56 28.27
N ASN A 32 28.02 -1.29 28.31
CA ASN A 32 28.52 -1.98 27.16
C ASN A 32 28.46 -3.49 27.38
N GLY A 33 27.73 -3.87 28.40
CA GLY A 33 27.55 -5.26 28.71
C GLY A 33 26.34 -5.79 27.98
N TYR A 34 26.14 -7.09 28.04
CA TYR A 34 25.05 -7.77 27.38
C TYR A 34 23.63 -7.26 27.69
N GLN A 35 23.25 -7.24 28.96
CA GLN A 35 21.91 -6.82 29.39
C GLN A 35 21.52 -5.44 28.92
N LYS A 36 22.51 -4.56 28.84
CA LYS A 36 22.30 -3.19 28.42
C LYS A 36 22.09 -3.09 26.91
N ILE A 37 22.91 -3.83 26.17
CA ILE A 37 22.80 -3.83 24.73
C ILE A 37 21.50 -4.53 24.33
N ALA A 38 21.24 -5.72 24.89
CA ALA A 38 20.03 -6.45 24.59
C ALA A 38 18.75 -5.61 24.83
N SER A 39 18.81 -4.70 25.80
CA SER A 39 17.71 -3.79 26.15
C SER A 39 17.32 -2.82 25.06
N TYR A 40 18.25 -2.54 24.16
CA TYR A 40 18.01 -1.61 23.07
C TYR A 40 16.85 -2.10 22.21
N HIS A 41 16.66 -3.41 22.16
CA HIS A 41 15.63 -4.03 21.34
C HIS A 41 14.21 -3.98 21.85
N GLY A 42 13.95 -4.71 22.94
CA GLY A 42 12.60 -4.77 23.51
C GLY A 42 12.56 -4.31 24.94
N ILE A 43 12.44 -5.25 25.88
CA ILE A 43 12.38 -4.91 27.31
C ILE A 43 13.71 -5.16 27.97
N PRO A 44 14.07 -4.33 28.96
CA PRO A 44 13.26 -3.19 29.40
C PRO A 44 13.16 -2.08 28.35
N LEU A 45 11.92 -1.58 28.13
CA LEU A 45 11.64 -0.52 27.18
C LEU A 45 12.63 0.65 27.38
N SER A 46 13.39 0.95 26.33
CA SER A 46 14.39 1.99 26.43
C SER A 46 14.16 3.26 25.64
N CYS A 47 12.97 3.40 25.07
CA CYS A 47 12.65 4.59 24.30
C CYS A 47 11.37 5.21 24.88
N HIS A 48 11.24 6.53 24.71
CA HIS A 48 10.10 7.25 25.25
C HIS A 48 9.50 8.23 24.29
N TYR A 49 8.18 8.29 24.36
CA TYR A 49 7.38 9.18 23.58
C TYR A 49 7.50 10.54 24.29
N GLU A 50 7.16 11.61 23.61
CA GLU A 50 7.20 12.98 24.11
C GLU A 50 6.47 13.11 25.43
N ASN A 51 5.52 12.22 25.64
CA ASN A 51 4.68 12.23 26.81
C ASN A 51 5.12 11.31 27.94
N GLY A 52 6.34 10.80 27.82
CA GLY A 52 6.89 9.94 28.86
C GLY A 52 6.55 8.48 28.75
N THR A 53 5.66 8.12 27.85
CA THR A 53 5.34 6.72 27.72
C THR A 53 6.43 6.03 26.92
N ALA A 54 6.85 4.89 27.44
CA ALA A 54 7.92 4.08 26.83
C ALA A 54 7.44 3.12 25.78
N TYR A 55 8.36 2.76 24.90
CA TYR A 55 8.10 1.81 23.84
C TYR A 55 9.41 1.09 23.55
N ALA A 56 9.34 -0.09 22.94
CA ALA A 56 10.50 -0.88 22.55
C ALA A 56 11.19 -0.12 21.42
N CYS A 57 12.50 0.01 21.49
CA CYS A 57 13.18 0.77 20.50
C CYS A 57 13.34 0.17 19.13
N CYS A 58 13.29 -1.14 19.02
CA CYS A 58 13.52 -1.71 17.70
C CYS A 58 12.51 -1.35 16.62
N GLN A 59 13.05 -0.95 15.48
CA GLN A 59 12.25 -0.56 14.35
C GLN A 59 11.95 -1.74 13.47
N HIS A 60 10.66 -2.09 13.39
CA HIS A 60 10.14 -3.20 12.59
C HIS A 60 8.94 -2.63 11.83
N GLY A 61 8.57 -3.26 10.72
CA GLY A 61 7.45 -2.79 9.92
C GLY A 61 7.69 -1.45 9.23
N MET A 62 8.95 -1.12 9.03
CA MET A 62 9.32 0.14 8.43
C MET A 62 10.59 -0.03 7.65
N VAL A 63 10.84 0.88 6.74
CA VAL A 63 12.00 0.83 5.85
C VAL A 63 13.38 0.86 6.53
N THR A 64 13.42 1.36 7.77
CA THR A 64 14.66 1.50 8.52
C THR A 64 14.97 0.29 9.37
N PHE A 65 14.20 -0.78 9.23
CA PHE A 65 14.43 -2.00 9.98
C PHE A 65 15.84 -2.55 9.72
N PRO A 66 16.32 -2.62 8.47
CA PRO A 66 17.66 -3.15 8.23
C PRO A 66 18.71 -2.26 8.91
N ASN A 67 18.57 -0.95 8.72
CA ASN A 67 19.47 0.04 9.29
C ASN A 67 19.54 -0.07 10.82
N TRP A 68 18.39 0.00 11.48
CA TRP A 68 18.37 -0.10 12.92
C TRP A 68 19.05 -1.38 13.40
N HIS A 69 18.74 -2.52 12.80
CA HIS A 69 19.34 -3.77 13.25
C HIS A 69 20.80 -3.95 12.83
N ARG A 70 21.26 -3.18 11.85
CA ARG A 70 22.65 -3.26 11.40
C ARG A 70 23.50 -2.63 12.52
N LEU A 71 23.01 -1.54 13.11
CA LEU A 71 23.68 -0.87 14.22
C LEU A 71 23.62 -1.70 15.50
N LEU A 72 22.51 -2.35 15.82
CA LEU A 72 22.42 -3.18 17.02
C LEU A 72 23.38 -4.36 16.99
N THR A 73 23.54 -4.97 15.81
CA THR A 73 24.43 -6.12 15.65
C THR A 73 25.87 -5.67 15.77
N LYS A 74 26.14 -4.46 15.32
CA LYS A 74 27.46 -3.83 15.38
C LYS A 74 27.77 -3.45 16.83
N GLN A 75 26.76 -3.03 17.57
CA GLN A 75 26.90 -2.64 18.97
C GLN A 75 27.36 -3.86 19.77
N MET A 76 26.76 -5.00 19.51
CA MET A 76 27.11 -6.24 20.21
C MET A 76 28.47 -6.76 19.76
N GLU A 77 28.77 -6.55 18.49
CA GLU A 77 30.02 -7.00 17.94
C GLU A 77 31.21 -6.29 18.59
N ASP A 78 31.17 -4.96 18.64
CA ASP A 78 32.22 -4.15 19.24
C ASP A 78 32.50 -4.58 20.68
N ALA A 79 31.46 -4.87 21.43
CA ALA A 79 31.60 -5.29 22.81
C ALA A 79 32.35 -6.63 22.94
N LEU A 80 32.14 -7.53 22.00
CA LEU A 80 32.80 -8.83 21.99
C LEU A 80 34.26 -8.68 21.62
N VAL A 81 34.50 -7.84 20.65
CA VAL A 81 35.83 -7.59 20.18
C VAL A 81 36.61 -6.94 21.33
N ALA A 82 35.92 -6.10 22.08
CA ALA A 82 36.52 -5.42 23.19
C ALA A 82 36.84 -6.39 24.30
N LYS A 83 36.13 -7.53 24.36
CA LYS A 83 36.42 -8.51 25.41
C LYS A 83 37.35 -9.59 24.89
N GLY A 84 38.06 -9.29 23.82
CA GLY A 84 38.96 -10.27 23.28
C GLY A 84 38.62 -10.97 21.98
N SER A 85 37.40 -10.88 21.46
CA SER A 85 37.16 -11.59 20.20
C SER A 85 38.02 -11.03 19.06
N HIS A 86 38.61 -11.91 18.28
CA HIS A 86 39.43 -11.44 17.17
C HIS A 86 38.64 -11.59 15.87
N VAL A 87 37.42 -12.09 16.01
CA VAL A 87 36.56 -12.35 14.88
C VAL A 87 35.18 -11.74 15.13
N GLY A 88 34.50 -11.32 14.06
CA GLY A 88 33.20 -10.71 14.21
C GLY A 88 32.07 -11.66 14.54
N ILE A 89 30.84 -11.14 14.70
CA ILE A 89 29.71 -12.04 15.00
C ILE A 89 29.55 -12.92 13.75
N PRO A 90 29.68 -14.24 13.89
CA PRO A 90 29.52 -15.07 12.70
C PRO A 90 28.06 -15.16 12.24
N TYR A 91 27.82 -15.39 10.96
CA TYR A 91 26.45 -15.48 10.48
C TYR A 91 25.95 -16.87 10.30
N TRP A 92 24.72 -17.11 10.73
CA TRP A 92 24.09 -18.42 10.53
C TRP A 92 23.30 -18.32 9.22
N ASP A 93 23.83 -18.90 8.15
CA ASP A 93 23.18 -18.86 6.86
C ASP A 93 21.95 -19.76 6.84
N TRP A 94 20.83 -19.25 7.34
CA TRP A 94 19.60 -20.06 7.38
C TRP A 94 18.82 -20.24 6.04
N THR A 95 19.27 -19.63 4.95
CA THR A 95 18.57 -19.81 3.69
C THR A 95 19.05 -21.14 3.10
N THR A 96 20.13 -21.67 3.66
CA THR A 96 20.71 -22.95 3.25
C THR A 96 20.07 -24.01 4.16
N THR A 97 19.61 -25.09 3.54
CA THR A 97 18.97 -26.17 4.28
C THR A 97 19.79 -26.62 5.49
N PHE A 98 19.11 -26.84 6.61
CA PHE A 98 19.78 -27.27 7.83
C PHE A 98 18.84 -28.21 8.56
N ALA A 99 19.37 -29.27 9.16
CA ALA A 99 18.51 -30.20 9.88
C ALA A 99 18.52 -29.90 11.37
N ASN A 100 19.30 -28.89 11.76
CA ASN A 100 19.41 -28.51 13.16
C ASN A 100 20.09 -27.16 13.31
N LEU A 101 19.87 -26.55 14.46
CA LEU A 101 20.47 -25.27 14.77
C LEU A 101 21.97 -25.48 14.81
N PRO A 102 22.77 -24.44 14.54
CA PRO A 102 24.22 -24.66 14.57
C PRO A 102 24.77 -25.08 15.95
N VAL A 103 25.77 -25.96 15.93
CA VAL A 103 26.38 -26.50 17.16
C VAL A 103 26.79 -25.39 18.12
N LEU A 104 27.32 -24.30 17.57
CA LEU A 104 27.76 -23.19 18.37
C LEU A 104 26.77 -22.81 19.45
N VAL A 105 25.47 -22.84 19.13
CA VAL A 105 24.44 -22.47 20.09
C VAL A 105 23.72 -23.62 20.79
N THR A 106 23.92 -24.85 20.31
CA THR A 106 23.26 -26.01 20.93
C THR A 106 24.01 -26.76 22.05
N GLU A 107 25.34 -26.67 22.05
CA GLU A 107 26.15 -27.31 23.10
C GLU A 107 25.77 -26.69 24.44
N GLU A 108 25.37 -27.54 25.37
CA GLU A 108 24.93 -27.14 26.70
C GLU A 108 26.06 -26.80 27.66
N LYS A 109 27.15 -27.54 27.60
CA LYS A 109 28.25 -27.34 28.53
C LYS A 109 29.23 -26.23 28.20
N ASP A 110 29.38 -25.33 29.14
CA ASP A 110 30.30 -24.20 29.02
C ASP A 110 30.23 -23.53 27.66
N ASN A 111 29.02 -23.10 27.33
CA ASN A 111 28.74 -22.44 26.08
C ASN A 111 27.95 -21.17 26.38
N SER A 112 28.58 -20.02 26.19
CA SER A 112 27.89 -18.75 26.42
C SER A 112 26.79 -18.43 25.41
N PHE A 113 26.79 -19.16 24.28
CA PHE A 113 25.80 -18.98 23.20
C PHE A 113 24.58 -19.88 23.32
N HIS A 114 24.56 -20.74 24.34
CA HIS A 114 23.45 -21.65 24.55
C HIS A 114 22.23 -20.95 25.13
N HIS A 115 22.47 -19.86 25.86
CA HIS A 115 21.40 -19.09 26.46
C HIS A 115 22.02 -17.88 27.14
N ALA A 116 21.16 -17.04 27.68
CA ALA A 116 21.58 -15.86 28.38
C ALA A 116 20.56 -15.69 29.47
N HIS A 117 20.91 -14.92 30.48
CA HIS A 117 19.99 -14.70 31.56
C HIS A 117 19.31 -13.40 31.21
N ILE A 118 18.07 -13.25 31.63
CA ILE A 118 17.33 -12.04 31.42
C ILE A 118 17.14 -11.51 32.85
N ASP A 119 17.97 -10.54 33.23
CA ASP A 119 17.92 -10.00 34.57
C ASP A 119 16.54 -9.54 34.88
N VAL A 120 16.02 -8.62 34.08
CA VAL A 120 14.70 -8.06 34.30
C VAL A 120 13.59 -9.10 34.54
N ALA A 121 13.69 -10.26 33.88
CA ALA A 121 12.67 -11.30 34.03
C ALA A 121 13.10 -12.42 34.97
N ASN A 122 14.35 -12.35 35.43
CA ASN A 122 14.82 -13.34 36.36
C ASN A 122 14.77 -14.78 35.85
N THR A 123 15.03 -14.98 34.56
CA THR A 123 15.03 -16.32 33.97
C THR A 123 16.05 -16.35 32.84
N ASP A 124 16.24 -17.52 32.26
CA ASP A 124 17.15 -17.64 31.13
C ASP A 124 16.27 -17.66 29.91
N THR A 125 16.86 -17.42 28.76
CA THR A 125 16.12 -17.42 27.51
C THR A 125 15.68 -18.85 27.16
N THR A 126 14.63 -18.95 26.35
CA THR A 126 14.08 -20.25 25.94
C THR A 126 13.99 -20.36 24.40
N ARG A 127 14.03 -21.58 23.90
CA ARG A 127 13.92 -21.89 22.48
C ARG A 127 12.95 -23.06 22.49
N SER A 128 12.20 -23.25 21.40
CA SER A 128 11.24 -24.35 21.29
C SER A 128 10.93 -24.45 19.80
N PRO A 129 11.98 -24.79 19.01
CA PRO A 129 11.87 -24.90 17.55
C PRO A 129 10.61 -25.60 17.10
N ARG A 130 9.99 -25.03 16.07
CA ARG A 130 8.78 -25.59 15.50
C ARG A 130 9.27 -26.46 14.35
N ALA A 131 8.56 -27.54 14.09
CA ALA A 131 8.94 -28.45 13.02
C ALA A 131 9.14 -27.78 11.67
N GLN A 132 8.41 -26.71 11.37
CA GLN A 132 8.55 -26.01 10.07
C GLN A 132 9.95 -25.47 9.80
N LEU A 133 10.69 -25.24 10.87
CA LEU A 133 12.04 -24.71 10.76
C LEU A 133 12.98 -25.64 9.98
N PHE A 134 12.75 -26.95 10.07
CA PHE A 134 13.65 -27.94 9.45
C PHE A 134 13.17 -28.67 8.18
N SER A 143 14.79 -24.77 -0.44
CA SER A 143 14.13 -24.54 0.90
C SER A 143 13.17 -23.36 0.89
N PHE A 144 12.29 -23.33 1.88
CA PHE A 144 11.30 -22.28 2.02
C PHE A 144 11.95 -20.91 2.14
N PHE A 145 12.96 -20.81 2.99
CA PHE A 145 13.64 -19.56 3.21
C PHE A 145 14.38 -19.06 1.99
N TYR A 146 14.98 -19.98 1.25
CA TYR A 146 15.67 -19.59 0.04
C TYR A 146 14.71 -18.85 -0.91
N ARG A 147 13.48 -19.38 -1.03
CA ARG A 147 12.43 -18.81 -1.90
C ARG A 147 11.95 -17.44 -1.47
N GLN A 148 11.76 -17.29 -0.16
CA GLN A 148 11.32 -16.02 0.40
C GLN A 148 12.38 -14.95 0.23
N ILE A 149 13.64 -15.37 0.32
CA ILE A 149 14.75 -14.44 0.20
C ILE A 149 15.09 -14.10 -1.25
N ALA A 150 14.97 -15.09 -2.13
CA ALA A 150 15.22 -14.85 -3.55
C ALA A 150 14.21 -13.84 -4.10
N LEU A 151 12.98 -13.81 -3.55
CA LEU A 151 11.99 -12.85 -4.07
C LEU A 151 12.35 -11.47 -3.63
N ALA A 152 13.00 -11.37 -2.48
CA ALA A 152 13.45 -10.10 -1.91
C ALA A 152 14.62 -9.60 -2.74
N LEU A 153 15.57 -10.49 -3.01
CA LEU A 153 16.74 -10.11 -3.78
C LEU A 153 16.42 -9.69 -5.23
N GLU A 154 15.35 -10.25 -5.78
CA GLU A 154 14.92 -9.92 -7.13
C GLU A 154 14.54 -8.44 -7.27
N GLN A 155 14.03 -7.84 -6.20
CA GLN A 155 13.60 -6.42 -6.19
C GLN A 155 14.76 -5.48 -6.49
N THR A 156 14.45 -4.35 -7.13
CA THR A 156 15.48 -3.38 -7.51
C THR A 156 15.25 -2.02 -6.86
N ASP A 157 14.37 -2.01 -5.88
CA ASP A 157 14.05 -0.82 -5.15
C ASP A 157 14.22 -1.21 -3.68
N PHE A 158 14.82 -0.34 -2.87
CA PHE A 158 15.04 -0.61 -1.43
C PHE A 158 13.78 -0.96 -0.69
N CYS A 159 12.77 -0.12 -0.79
CA CYS A 159 11.50 -0.36 -0.10
C CYS A 159 10.79 -1.64 -0.52
N ASP A 160 10.87 -2.03 -1.79
CA ASP A 160 10.25 -3.27 -2.17
C ASP A 160 11.07 -4.45 -1.61
N PHE A 161 12.40 -4.32 -1.61
CA PHE A 161 13.27 -5.37 -1.07
C PHE A 161 13.02 -5.46 0.41
N GLU A 162 13.08 -4.34 1.11
CA GLU A 162 12.95 -4.30 2.57
C GLU A 162 11.80 -5.12 3.12
N ILE A 163 10.59 -4.91 2.59
CA ILE A 163 9.40 -5.64 3.06
C ILE A 163 9.50 -7.16 2.92
N GLN A 164 10.01 -7.66 1.78
CA GLN A 164 10.15 -9.10 1.54
C GLN A 164 11.22 -9.74 2.46
N PHE A 165 12.29 -8.97 2.60
CA PHE A 165 13.45 -9.26 3.41
C PHE A 165 13.03 -9.35 4.91
N GLU A 166 12.42 -8.28 5.42
CA GLU A 166 11.98 -8.27 6.80
C GLU A 166 10.99 -9.37 7.17
N ILE A 167 9.95 -9.57 6.36
CA ILE A 167 8.98 -10.64 6.63
C ILE A 167 9.66 -12.00 6.57
N GLY A 168 10.60 -12.18 5.65
CA GLY A 168 11.31 -13.46 5.57
C GLY A 168 12.11 -13.72 6.83
N HIS A 169 12.84 -12.72 7.31
CA HIS A 169 13.64 -12.81 8.53
C HIS A 169 12.77 -13.11 9.75
N ASN A 170 11.55 -12.59 9.78
CA ASN A 170 10.63 -12.83 10.90
C ASN A 170 10.39 -14.31 11.14
N ALA A 171 10.45 -15.12 10.08
CA ALA A 171 10.15 -16.55 10.18
C ALA A 171 11.09 -17.32 11.07
N ILE A 172 12.35 -16.90 11.09
CA ILE A 172 13.36 -17.53 11.91
C ILE A 172 13.04 -17.26 13.37
N HIS A 173 12.64 -16.04 13.65
CA HIS A 173 12.26 -15.63 14.99
C HIS A 173 11.12 -16.45 15.51
N SER A 174 10.09 -16.58 14.71
CA SER A 174 8.91 -17.31 15.13
C SER A 174 9.13 -18.82 15.34
N TRP A 175 9.72 -19.48 14.36
CA TRP A 175 9.92 -20.92 14.40
C TRP A 175 11.03 -21.41 15.33
N VAL A 176 11.91 -20.52 15.75
CA VAL A 176 12.95 -20.92 16.68
C VAL A 176 12.35 -20.76 18.09
N GLY A 177 11.83 -19.57 18.39
CA GLY A 177 11.25 -19.31 19.69
C GLY A 177 9.98 -20.08 19.93
N GLY A 178 9.18 -20.26 18.90
CA GLY A 178 7.95 -20.99 19.09
C GLY A 178 7.05 -20.37 20.14
N SER A 179 6.44 -21.19 20.97
CA SER A 179 5.54 -20.69 21.99
C SER A 179 6.26 -20.40 23.28
N SER A 180 7.56 -20.68 23.32
CA SER A 180 8.35 -20.45 24.51
C SER A 180 8.16 -19.00 24.92
N PRO A 181 8.03 -18.76 26.22
CA PRO A 181 7.81 -17.42 26.79
C PRO A 181 8.93 -16.38 26.74
N TYR A 182 10.17 -16.82 26.61
CA TYR A 182 11.29 -15.88 26.63
C TYR A 182 12.25 -16.15 25.50
N GLY A 183 11.74 -16.41 24.32
CA GLY A 183 12.63 -16.73 23.24
C GLY A 183 12.57 -15.80 22.05
N MET A 184 13.04 -16.31 20.93
CA MET A 184 13.13 -15.60 19.66
C MET A 184 11.83 -15.10 19.02
N SER A 185 10.70 -15.64 19.44
CA SER A 185 9.40 -15.24 18.90
C SER A 185 8.72 -14.08 19.59
N THR A 186 9.36 -13.50 20.58
CA THR A 186 8.75 -12.39 21.26
C THR A 186 9.61 -11.20 20.96
N LEU A 187 8.97 -10.07 20.69
CA LEU A 187 9.70 -8.83 20.43
C LEU A 187 10.45 -8.46 21.70
N HIS A 188 9.83 -8.75 22.84
CA HIS A 188 10.35 -8.42 24.17
C HIS A 188 11.64 -9.10 24.56
N TYR A 189 11.78 -10.37 24.25
CA TYR A 189 12.96 -11.09 24.67
C TYR A 189 13.88 -11.65 23.62
N THR A 190 13.61 -11.41 22.33
CA THR A 190 14.47 -11.97 21.31
C THR A 190 15.91 -11.65 21.44
N SER A 191 16.21 -10.37 21.65
CA SER A 191 17.61 -9.94 21.74
C SER A 191 18.49 -10.59 22.81
N TYR A 192 17.89 -11.36 23.70
CA TYR A 192 18.63 -12.02 24.77
C TYR A 192 19.16 -13.38 24.35
N ASP A 193 18.52 -14.02 23.39
CA ASP A 193 19.03 -15.32 22.96
C ASP A 193 20.23 -15.05 22.07
N PRO A 194 21.41 -15.60 22.44
CA PRO A 194 22.60 -15.37 21.62
C PRO A 194 22.40 -15.73 20.14
N LEU A 195 21.48 -16.63 19.84
CA LEU A 195 21.22 -17.02 18.45
C LEU A 195 20.70 -15.81 17.67
N PHE A 196 20.08 -14.87 18.36
CA PHE A 196 19.57 -13.66 17.74
C PHE A 196 20.66 -12.96 16.95
N TYR A 197 21.88 -12.95 17.51
CA TYR A 197 22.99 -12.27 16.85
C TYR A 197 23.56 -13.01 15.66
N LEU A 198 23.42 -14.33 15.64
CA LEU A 198 23.91 -15.11 14.49
C LEU A 198 22.91 -14.92 13.36
N HIS A 199 21.63 -14.84 13.75
CA HIS A 199 20.48 -14.62 12.86
C HIS A 199 20.60 -13.22 12.28
N HIS A 200 20.91 -12.24 13.12
CA HIS A 200 21.00 -10.91 12.60
C HIS A 200 22.19 -10.53 11.85
N SER A 201 23.26 -11.31 12.03
CA SER A 201 24.47 -11.11 11.28
C SER A 201 24.16 -11.66 9.86
N ASN A 202 23.38 -12.75 9.80
CA ASN A 202 23.02 -13.34 8.53
C ASN A 202 22.04 -12.42 7.83
N THR A 203 21.11 -11.86 8.58
CA THR A 203 20.15 -10.91 8.02
C THR A 203 20.93 -9.69 7.46
N ASP A 204 21.95 -9.21 8.18
CA ASP A 204 22.73 -8.09 7.67
C ASP A 204 23.48 -8.53 6.44
N ARG A 205 23.87 -9.80 6.40
CA ARG A 205 24.56 -10.29 5.22
C ARG A 205 23.66 -10.29 3.98
N ILE A 206 22.39 -10.69 4.15
CA ILE A 206 21.43 -10.69 3.06
C ILE A 206 21.26 -9.29 2.54
N TRP A 207 21.18 -8.31 3.41
CA TRP A 207 21.07 -6.94 2.93
C TRP A 207 22.36 -6.60 2.18
N SER A 208 23.52 -7.02 2.66
CA SER A 208 24.79 -6.74 1.97
C SER A 208 24.90 -7.39 0.58
N VAL A 209 24.38 -8.60 0.43
CA VAL A 209 24.37 -9.29 -0.85
C VAL A 209 23.53 -8.46 -1.82
N TRP A 210 22.41 -7.90 -1.33
CA TRP A 210 21.51 -7.07 -2.13
C TRP A 210 22.15 -5.78 -2.62
N GLN A 211 22.96 -5.15 -1.76
CA GLN A 211 23.69 -3.91 -2.07
C GLN A 211 24.75 -4.20 -3.15
N ALA A 212 25.34 -5.38 -3.13
CA ALA A 212 26.29 -5.76 -4.15
C ALA A 212 25.56 -6.02 -5.50
N LEU A 213 24.36 -6.59 -5.45
CA LEU A 213 23.56 -6.88 -6.65
C LEU A 213 23.20 -5.58 -7.30
N GLN A 214 22.74 -4.63 -6.50
CA GLN A 214 22.38 -3.31 -7.00
C GLN A 214 23.55 -2.60 -7.64
N LYS A 215 24.71 -2.75 -7.03
CA LYS A 215 25.92 -2.13 -7.54
C LYS A 215 26.18 -2.75 -8.90
N TYR A 216 26.08 -4.06 -8.95
CA TYR A 216 26.27 -4.83 -10.16
C TYR A 216 25.24 -4.45 -11.23
N ARG A 217 24.04 -4.10 -10.79
CA ARG A 217 22.94 -3.71 -11.65
C ARG A 217 23.05 -2.28 -12.08
N GLY A 218 23.90 -1.50 -11.45
CA GLY A 218 24.01 -0.09 -11.82
C GLY A 218 22.91 0.72 -11.16
N LEU A 219 22.32 0.19 -10.09
CA LEU A 219 21.25 0.86 -9.38
C LEU A 219 21.71 1.32 -8.00
N PRO A 220 21.04 2.34 -7.42
CA PRO A 220 21.44 2.82 -6.09
C PRO A 220 21.44 1.74 -5.03
N TYR A 221 22.56 1.70 -4.29
CA TYR A 221 22.74 0.72 -3.23
C TYR A 221 23.08 1.37 -1.87
N ASN A 222 23.59 2.61 -1.86
CA ASN A 222 23.90 3.28 -0.59
C ASN A 222 22.98 4.42 -0.25
N THR A 223 21.92 4.56 -1.05
CA THR A 223 20.89 5.55 -0.83
C THR A 223 19.62 4.88 -1.28
N ALA A 224 18.48 5.50 -0.96
CA ALA A 224 17.18 4.99 -1.36
C ALA A 224 16.29 6.20 -1.56
N ASN A 225 15.65 6.25 -2.74
CA ASN A 225 14.74 7.33 -3.15
C ASN A 225 13.33 7.14 -2.63
N CYS A 226 13.04 5.99 -2.06
CA CYS A 226 11.71 5.76 -1.51
C CYS A 226 11.74 6.14 -0.04
N GLU A 227 10.58 6.44 0.51
CA GLU A 227 10.47 6.86 1.90
C GLU A 227 11.60 7.79 2.41
N ILE A 228 12.07 8.70 1.54
CA ILE A 228 13.15 9.65 1.85
C ILE A 228 13.05 10.39 3.19
N ASN A 229 11.89 10.35 3.81
CA ASN A 229 11.70 11.06 5.07
C ASN A 229 12.24 10.29 6.27
N LYS A 230 11.84 9.03 6.38
CA LYS A 230 12.24 8.19 7.48
C LYS A 230 13.73 7.93 7.54
N LEU A 231 14.39 7.96 6.39
CA LEU A 231 15.81 7.71 6.31
C LEU A 231 16.71 8.80 6.87
N VAL A 232 16.14 9.94 7.24
CA VAL A 232 16.98 11.01 7.78
C VAL A 232 16.77 11.27 9.26
N LYS A 233 15.81 10.58 9.83
CA LYS A 233 15.53 10.71 11.25
C LYS A 233 16.50 9.80 12.00
N PRO A 234 16.82 10.13 13.26
CA PRO A 234 17.75 9.32 14.06
C PRO A 234 17.19 7.97 14.48
N LEU A 235 18.09 7.00 14.61
CA LEU A 235 17.74 5.66 15.02
C LEU A 235 17.94 5.54 16.55
N LYS A 236 16.88 5.80 17.31
CA LYS A 236 16.95 5.74 18.76
C LYS A 236 17.16 4.30 19.15
N PRO A 237 18.01 4.03 20.17
CA PRO A 237 18.73 4.97 21.04
C PRO A 237 20.22 5.16 20.70
N PHE A 238 20.62 4.79 19.49
CA PHE A 238 22.00 4.89 19.03
C PHE A 238 22.50 6.29 18.89
N ASN A 239 21.57 7.23 18.73
CA ASN A 239 21.93 8.63 18.60
C ASN A 239 22.14 9.35 19.93
N LEU A 240 21.75 8.73 21.04
CA LEU A 240 21.90 9.37 22.34
C LEU A 240 23.34 9.49 22.85
N ASP A 241 23.59 10.54 23.64
CA ASP A 241 24.91 10.80 24.18
C ASP A 241 25.36 9.67 25.09
N THR A 242 24.38 8.97 25.65
CA THR A 242 24.55 7.84 26.54
C THR A 242 24.94 6.53 25.81
N ASN A 243 25.08 6.61 24.49
CA ASN A 243 25.48 5.45 23.70
C ASN A 243 27.01 5.46 23.79
N PRO A 244 27.61 4.47 24.49
CA PRO A 244 29.06 4.38 24.66
C PRO A 244 29.82 4.05 23.40
N ASN A 245 29.10 3.68 22.35
CA ASN A 245 29.74 3.34 21.10
C ASN A 245 29.74 4.53 20.17
N ALA A 246 30.93 5.05 19.88
CA ALA A 246 31.12 6.21 19.02
C ALA A 246 30.85 5.91 17.56
N VAL A 247 31.05 4.66 17.12
CA VAL A 247 30.79 4.36 15.74
C VAL A 247 29.30 4.30 15.47
N THR A 248 28.56 3.55 16.27
CA THR A 248 27.13 3.45 16.03
C THR A 248 26.43 4.78 16.27
N LYS A 249 27.02 5.59 17.13
CA LYS A 249 26.44 6.89 17.39
C LYS A 249 26.70 7.83 16.21
N ALA A 250 27.84 7.66 15.57
CA ALA A 250 28.20 8.48 14.42
C ALA A 250 27.37 8.17 13.15
N HIS A 251 26.86 6.94 13.06
CA HIS A 251 26.07 6.50 11.91
C HIS A 251 24.65 6.17 12.36
N SER A 252 24.10 7.00 13.23
CA SER A 252 22.79 6.74 13.78
C SER A 252 21.60 7.31 13.04
N THR A 253 21.67 7.42 11.72
CA THR A 253 20.50 7.87 10.98
C THR A 253 20.41 6.84 9.90
N GLY A 254 19.23 6.65 9.35
CA GLY A 254 19.06 5.69 8.30
C GLY A 254 19.96 6.04 7.13
N ALA A 255 20.08 7.33 6.87
CA ALA A 255 20.91 7.81 5.79
C ALA A 255 22.38 7.44 5.96
N THR A 256 22.85 7.41 7.20
CA THR A 256 24.25 7.14 7.47
C THR A 256 24.62 5.67 7.71
N SER A 257 23.61 4.81 7.75
CA SER A 257 23.87 3.39 7.99
C SER A 257 23.87 2.45 6.81
N PHE A 258 23.89 2.99 5.59
CA PHE A 258 23.86 2.14 4.40
C PHE A 258 25.20 1.50 4.17
N ASP A 259 26.23 2.30 4.36
CA ASP A 259 27.61 1.85 4.14
C ASP A 259 28.23 1.09 5.34
N TYR A 260 28.15 -0.23 5.30
CA TYR A 260 28.69 -1.05 6.36
C TYR A 260 30.20 -1.01 6.41
N HIS A 261 30.86 -0.73 5.29
CA HIS A 261 32.30 -0.68 5.27
C HIS A 261 32.78 0.38 6.25
N LYS A 262 31.98 1.43 6.40
CA LYS A 262 32.30 2.48 7.34
C LYS A 262 32.05 2.06 8.77
N LEU A 263 31.49 0.88 8.96
CA LEU A 263 31.22 0.39 10.30
C LEU A 263 32.33 -0.54 10.80
N GLY A 264 33.34 -0.74 9.96
CA GLY A 264 34.48 -1.53 10.37
C GLY A 264 34.40 -3.03 10.31
N TYR A 265 33.50 -3.59 9.51
CA TYR A 265 33.42 -5.04 9.41
C TYR A 265 33.23 -5.46 7.95
N ASP A 266 33.34 -6.75 7.70
CA ASP A 266 33.18 -7.25 6.36
C ASP A 266 32.80 -8.68 6.52
N TYR A 267 32.40 -9.34 5.43
CA TYR A 267 31.96 -10.74 5.45
C TYR A 267 33.01 -11.55 4.78
N ASP A 268 33.08 -12.84 5.10
CA ASP A 268 34.06 -13.68 4.45
C ASP A 268 33.82 -13.63 2.95
N ASN A 269 32.55 -13.57 2.55
CA ASN A 269 32.15 -13.45 1.15
C ASN A 269 30.66 -13.15 1.02
N LEU A 270 30.25 -12.72 -0.17
CA LEU A 270 28.84 -12.42 -0.44
C LEU A 270 28.27 -13.42 -1.43
N ASN A 271 28.77 -14.64 -1.42
CA ASN A 271 28.28 -15.65 -2.35
C ASN A 271 26.99 -16.26 -1.85
N PHE A 272 25.88 -15.84 -2.43
CA PHE A 272 24.59 -16.36 -2.03
C PHE A 272 24.35 -17.72 -2.63
N HIS A 273 24.26 -18.72 -1.76
CA HIS A 273 24.03 -20.09 -2.20
C HIS A 273 25.06 -20.60 -3.18
N GLY A 274 26.33 -20.33 -2.90
CA GLY A 274 27.39 -20.78 -3.76
C GLY A 274 27.48 -20.07 -5.09
N MET A 275 26.69 -19.03 -5.32
CA MET A 275 26.73 -18.32 -6.58
C MET A 275 27.44 -16.99 -6.41
N THR A 276 28.18 -16.55 -7.42
CA THR A 276 28.85 -15.28 -7.32
C THR A 276 27.80 -14.23 -7.55
N ILE A 277 28.12 -12.96 -7.33
CA ILE A 277 27.10 -11.92 -7.51
C ILE A 277 26.56 -11.89 -8.93
N PRO A 278 27.43 -12.02 -9.95
CA PRO A 278 26.86 -12.00 -11.30
C PRO A 278 26.05 -13.27 -11.61
N GLU A 279 26.40 -14.39 -10.99
CA GLU A 279 25.67 -15.63 -11.23
C GLU A 279 24.27 -15.56 -10.65
N LEU A 280 24.16 -14.96 -9.45
CA LEU A 280 22.88 -14.79 -8.76
C LEU A 280 21.96 -13.90 -9.58
N GLU A 281 22.49 -12.84 -10.16
CA GLU A 281 21.71 -11.92 -10.98
C GLU A 281 21.14 -12.64 -12.24
N GLU A 282 21.96 -13.47 -12.86
CA GLU A 282 21.55 -14.26 -14.01
C GLU A 282 20.43 -15.20 -13.53
N HIS A 283 20.61 -15.81 -12.38
CA HIS A 283 19.63 -16.71 -11.80
C HIS A 283 18.27 -16.07 -11.49
N LEU A 284 18.29 -14.89 -10.90
CA LEU A 284 17.07 -14.19 -10.56
C LEU A 284 16.35 -13.77 -11.83
N LYS A 285 17.09 -13.40 -12.87
CA LYS A 285 16.47 -13.05 -14.14
C LYS A 285 15.67 -14.24 -14.68
N GLU A 286 16.28 -15.42 -14.72
CA GLU A 286 15.61 -16.60 -15.20
C GLU A 286 14.21 -16.70 -14.60
N ILE A 287 14.10 -16.38 -13.31
CA ILE A 287 12.84 -16.44 -12.59
C ILE A 287 11.75 -15.51 -13.13
N GLN A 288 12.16 -14.38 -13.66
CA GLN A 288 11.24 -13.40 -14.21
C GLN A 288 10.90 -13.69 -15.65
N HIS A 289 11.38 -14.80 -16.17
CA HIS A 289 11.09 -15.16 -17.54
C HIS A 289 9.80 -15.99 -17.55
N GLU A 290 9.25 -16.23 -16.36
CA GLU A 290 8.02 -16.99 -16.16
C GLU A 290 6.95 -16.04 -15.65
N ASP A 291 5.72 -16.23 -16.10
CA ASP A 291 4.58 -15.45 -15.65
C ASP A 291 4.32 -15.95 -14.24
N ARG A 292 3.93 -15.08 -13.32
CA ARG A 292 3.67 -15.50 -11.96
C ARG A 292 2.46 -14.79 -11.43
N VAL A 293 1.72 -15.42 -10.54
CA VAL A 293 0.55 -14.83 -9.95
C VAL A 293 0.92 -14.63 -8.48
N PHE A 294 0.61 -13.47 -7.92
CA PHE A 294 0.96 -13.22 -6.53
C PHE A 294 -0.21 -12.86 -5.64
N ALA A 295 -0.17 -13.30 -4.37
CA ALA A 295 -1.15 -12.88 -3.39
C ALA A 295 -0.40 -11.68 -2.83
N GLY A 296 -1.09 -10.61 -2.48
CA GLY A 296 -0.41 -9.46 -1.94
C GLY A 296 -1.10 -9.10 -0.65
N PHE A 297 -0.35 -8.81 0.42
CA PHE A 297 -0.92 -8.47 1.73
C PHE A 297 -0.56 -7.09 2.26
N LEU A 298 -1.53 -6.39 2.83
CA LEU A 298 -1.28 -5.08 3.45
C LEU A 298 -1.12 -5.38 4.97
N LEU A 299 0.05 -5.12 5.52
CA LEU A 299 0.30 -5.42 6.91
C LEU A 299 0.49 -4.21 7.77
N ARG A 300 0.04 -4.29 9.02
CA ARG A 300 0.16 -3.22 10.01
C ARG A 300 0.21 -3.86 11.42
N THR A 301 0.64 -3.07 12.40
CA THR A 301 0.74 -3.53 13.79
C THR A 301 -0.47 -4.25 14.31
N ILE A 302 -0.25 -5.34 15.01
CA ILE A 302 -1.36 -6.04 15.63
C ILE A 302 -1.09 -6.20 17.14
N GLY A 303 -0.02 -5.56 17.61
CA GLY A 303 0.36 -5.57 19.01
C GLY A 303 0.80 -6.92 19.56
N GLN A 304 1.27 -7.81 18.69
CA GLN A 304 1.69 -9.14 19.10
C GLN A 304 2.34 -9.84 17.91
N SER A 305 2.96 -10.99 18.15
CA SER A 305 3.58 -11.79 17.11
C SER A 305 2.52 -12.77 16.56
N ALA A 306 2.49 -12.99 15.26
CA ALA A 306 1.50 -13.92 14.73
C ALA A 306 2.01 -14.61 13.48
N ASP A 307 1.51 -15.82 13.27
CA ASP A 307 1.83 -16.60 12.08
C ASP A 307 0.56 -16.60 11.23
N VAL A 308 0.73 -16.36 9.93
CA VAL A 308 -0.38 -16.34 9.00
C VAL A 308 -0.25 -17.49 7.99
N ASN A 309 -1.31 -18.27 7.84
CA ASN A 309 -1.34 -19.38 6.88
C ASN A 309 -2.52 -19.12 5.99
N PHE A 310 -2.45 -19.52 4.73
CA PHE A 310 -3.58 -19.33 3.85
C PHE A 310 -3.63 -20.37 2.78
N ASP A 311 -4.83 -20.65 2.31
CA ASP A 311 -5.00 -21.62 1.27
C ASP A 311 -5.61 -20.94 0.08
N VAL A 312 -5.38 -21.55 -1.08
CA VAL A 312 -5.99 -21.08 -2.33
C VAL A 312 -7.15 -22.08 -2.54
N CYS A 313 -8.34 -21.58 -2.83
CA CYS A 313 -9.51 -22.44 -3.03
C CYS A 313 -10.30 -22.19 -4.30
N THR A 314 -10.62 -23.25 -5.03
CA THR A 314 -11.45 -23.11 -6.20
C THR A 314 -12.82 -22.78 -5.57
N LYS A 315 -13.71 -22.20 -6.35
CA LYS A 315 -15.02 -21.84 -5.86
C LYS A 315 -15.78 -23.03 -5.26
N ASP A 316 -15.62 -24.21 -5.84
CA ASP A 316 -16.32 -25.39 -5.34
C ASP A 316 -15.86 -25.82 -3.95
N GLY A 317 -14.79 -25.20 -3.45
CA GLY A 317 -14.30 -25.52 -2.13
C GLY A 317 -13.10 -26.46 -2.08
N GLU A 318 -12.47 -26.68 -3.21
CA GLU A 318 -11.29 -27.52 -3.25
C GLU A 318 -10.13 -26.56 -2.95
N CYS A 319 -9.30 -26.90 -1.98
CA CYS A 319 -8.19 -26.03 -1.59
C CYS A 319 -6.85 -26.67 -1.57
N THR A 320 -5.83 -25.82 -1.56
CA THR A 320 -4.45 -26.28 -1.49
C THR A 320 -3.69 -25.22 -0.72
N PHE A 321 -2.62 -25.63 -0.03
CA PHE A 321 -1.83 -24.71 0.76
C PHE A 321 -1.26 -23.58 -0.09
N GLY A 322 -1.43 -22.36 0.39
CA GLY A 322 -0.92 -21.22 -0.32
C GLY A 322 0.44 -20.78 0.21
N GLY A 323 0.51 -20.44 1.49
CA GLY A 323 1.75 -20.01 2.06
C GLY A 323 1.70 -19.64 3.52
N THR A 324 2.85 -19.23 4.06
CA THR A 324 2.97 -18.82 5.45
C THR A 324 3.96 -17.67 5.56
N PHE A 325 3.62 -16.72 6.42
CA PHE A 325 4.48 -15.60 6.71
C PHE A 325 4.25 -15.23 8.17
N CYS A 326 5.25 -14.64 8.79
CA CYS A 326 5.17 -14.30 10.19
C CYS A 326 5.35 -12.84 10.46
N ILE A 327 4.77 -12.42 11.58
CA ILE A 327 4.84 -11.05 12.07
C ILE A 327 5.44 -11.04 13.49
N LEU A 328 6.50 -10.29 13.70
CA LEU A 328 7.15 -10.23 15.01
C LEU A 328 6.65 -9.00 15.70
N GLY A 329 6.11 -9.17 16.90
CA GLY A 329 5.62 -8.00 17.61
C GLY A 329 5.37 -8.26 19.07
N GLY A 330 4.84 -7.24 19.73
CA GLY A 330 4.52 -7.35 21.14
C GLY A 330 3.95 -6.05 21.63
N GLU A 331 3.45 -6.10 22.83
CA GLU A 331 2.89 -4.96 23.51
C GLU A 331 3.96 -3.87 23.60
N HIS A 332 3.55 -2.62 23.44
CA HIS A 332 4.43 -1.45 23.54
C HIS A 332 5.31 -1.27 22.31
N GLU A 333 5.07 -2.03 21.24
CA GLU A 333 5.86 -1.82 20.03
C GLU A 333 5.38 -0.49 19.46
N MET A 334 6.23 0.17 18.70
CA MET A 334 5.81 1.43 18.10
C MET A 334 4.88 1.10 16.92
N PHE A 335 3.98 2.03 16.60
CA PHE A 335 3.04 1.85 15.53
C PHE A 335 3.78 1.66 14.21
N TRP A 336 3.28 0.74 13.39
CA TRP A 336 3.86 0.52 12.09
C TRP A 336 2.84 -0.02 11.11
N ALA A 337 3.01 0.35 9.84
CA ALA A 337 2.16 -0.10 8.77
C ALA A 337 2.97 0.05 7.51
N PHE A 338 3.11 -1.01 6.73
CA PHE A 338 3.87 -0.91 5.47
C PHE A 338 3.09 -0.07 4.43
N ASP A 339 3.81 0.62 3.56
CA ASP A 339 3.22 1.48 2.55
C ASP A 339 3.07 0.79 1.18
N ARG A 340 3.20 -0.52 1.17
CA ARG A 340 3.11 -1.29 -0.05
C ARG A 340 2.75 -2.72 0.33
N LEU A 341 2.52 -3.54 -0.67
CA LEU A 341 2.12 -4.93 -0.45
C LEU A 341 3.22 -5.91 -0.17
N PHE A 342 2.94 -6.88 0.67
CA PHE A 342 3.93 -7.90 0.89
C PHE A 342 3.48 -8.97 -0.12
N LYS A 343 4.35 -9.30 -1.06
CA LYS A 343 4.07 -10.27 -2.10
C LYS A 343 4.43 -11.72 -1.79
N TYR A 344 3.53 -12.62 -2.14
CA TYR A 344 3.73 -14.03 -1.95
C TYR A 344 3.32 -14.71 -3.27
N ASP A 345 4.25 -15.46 -3.86
CA ASP A 345 4.05 -16.14 -5.13
C ASP A 345 3.15 -17.37 -5.00
N ILE A 346 2.00 -17.37 -5.68
CA ILE A 346 1.07 -18.51 -5.60
C ILE A 346 0.85 -19.24 -6.93
N THR A 347 1.74 -19.01 -7.88
CA THR A 347 1.68 -19.62 -9.18
C THR A 347 1.41 -21.12 -9.08
N THR A 348 2.16 -21.79 -8.20
CA THR A 348 2.07 -23.24 -7.98
C THR A 348 0.73 -23.76 -7.47
N SER A 349 0.13 -23.06 -6.52
CA SER A 349 -1.13 -23.45 -5.93
C SER A 349 -2.19 -23.40 -6.99
N LEU A 350 -2.14 -22.36 -7.81
CA LEU A 350 -3.09 -22.21 -8.88
C LEU A 350 -2.96 -23.37 -9.83
N LYS A 351 -1.74 -23.63 -10.31
CA LYS A 351 -1.45 -24.72 -11.24
C LYS A 351 -1.96 -26.04 -10.66
N HIS A 352 -1.87 -26.16 -9.35
CA HIS A 352 -2.31 -27.35 -8.67
C HIS A 352 -3.82 -27.54 -8.71
N LEU A 353 -4.57 -26.48 -8.45
CA LEU A 353 -6.02 -26.53 -8.45
C LEU A 353 -6.52 -26.39 -9.89
N ARG A 354 -5.55 -26.35 -10.80
CA ARG A 354 -5.73 -26.19 -12.20
C ARG A 354 -6.48 -24.90 -12.52
N LEU A 355 -6.25 -23.90 -11.68
CA LEU A 355 -6.84 -22.58 -11.89
C LEU A 355 -6.09 -21.72 -12.89
N ASP A 356 -6.81 -20.81 -13.52
CA ASP A 356 -6.18 -19.87 -14.45
C ASP A 356 -6.20 -18.53 -13.75
N ALA A 357 -5.27 -17.65 -14.11
CA ALA A 357 -5.19 -16.36 -13.43
C ALA A 357 -6.53 -15.67 -13.34
N HIS A 358 -7.31 -15.77 -14.41
CA HIS A 358 -8.60 -15.12 -14.44
C HIS A 358 -9.79 -15.92 -13.93
N ASP A 359 -9.53 -17.11 -13.41
CA ASP A 359 -10.60 -17.90 -12.85
C ASP A 359 -10.94 -17.23 -11.56
N ASP A 360 -12.11 -17.51 -11.03
CA ASP A 360 -12.50 -16.92 -9.77
C ASP A 360 -12.15 -17.95 -8.71
N PHE A 361 -11.41 -17.54 -7.68
CA PHE A 361 -10.99 -18.43 -6.59
C PHE A 361 -10.83 -17.62 -5.31
N ASP A 362 -10.80 -18.28 -4.17
CA ASP A 362 -10.65 -17.59 -2.91
C ASP A 362 -9.31 -17.85 -2.28
N ILE A 363 -8.95 -16.97 -1.35
CA ILE A 363 -7.74 -17.13 -0.56
C ILE A 363 -8.29 -17.19 0.88
N LYS A 364 -8.07 -18.29 1.59
CA LYS A 364 -8.54 -18.40 2.94
C LYS A 364 -7.39 -18.18 3.91
N VAL A 365 -7.55 -17.19 4.78
CA VAL A 365 -6.54 -16.80 5.73
C VAL A 365 -6.85 -17.17 7.18
N THR A 366 -5.83 -17.64 7.86
CA THR A 366 -5.95 -17.97 9.27
C THR A 366 -4.79 -17.32 10.01
N ILE A 367 -5.09 -16.44 10.96
CA ILE A 367 -4.03 -15.77 11.73
C ILE A 367 -3.98 -16.46 13.08
N LYS A 368 -2.79 -16.85 13.52
CA LYS A 368 -2.69 -17.50 14.82
C LYS A 368 -1.61 -16.88 15.72
N GLY A 369 -1.94 -16.70 17.00
CA GLY A 369 -0.98 -16.18 17.95
C GLY A 369 0.13 -17.20 18.15
N ILE A 370 1.23 -16.83 18.81
CA ILE A 370 2.30 -17.79 19.00
C ILE A 370 1.95 -18.92 19.96
N ASP A 371 0.93 -18.69 20.77
CA ASP A 371 0.48 -19.70 21.70
C ASP A 371 -0.37 -20.75 20.99
N GLY A 372 -1.03 -20.34 19.91
CA GLY A 372 -1.86 -21.25 19.14
C GLY A 372 -3.29 -20.78 18.97
N HIS A 373 -3.62 -19.64 19.56
CA HIS A 373 -4.96 -19.13 19.46
C HIS A 373 -5.22 -18.35 18.20
N VAL A 374 -6.31 -18.68 17.54
CA VAL A 374 -6.70 -17.99 16.34
C VAL A 374 -7.07 -16.54 16.67
N LEU A 375 -6.49 -15.62 15.91
CA LEU A 375 -6.74 -14.20 16.06
C LEU A 375 -7.74 -13.78 14.99
N SER A 376 -8.53 -12.76 15.28
CA SER A 376 -9.54 -12.26 14.36
C SER A 376 -8.98 -11.89 12.98
N ASN A 377 -9.74 -12.27 11.95
CA ASN A 377 -9.34 -11.98 10.58
C ASN A 377 -9.45 -10.50 10.26
N LYS A 378 -9.83 -9.75 11.28
CA LYS A 378 -9.99 -8.32 11.22
C LYS A 378 -8.63 -7.60 11.19
N TYR A 379 -7.61 -8.26 11.73
CA TYR A 379 -6.28 -7.68 11.79
C TYR A 379 -5.66 -7.45 10.43
N LEU A 380 -6.06 -8.29 9.49
CA LEU A 380 -5.55 -8.25 8.14
C LEU A 380 -6.65 -8.03 7.12
N SER A 381 -6.42 -7.08 6.22
CA SER A 381 -7.33 -6.79 5.12
C SER A 381 -7.21 -7.96 4.15
N PRO A 382 -8.24 -8.21 3.36
CA PRO A 382 -8.23 -9.29 2.40
C PRO A 382 -7.13 -9.09 1.38
N PRO A 383 -6.41 -10.18 1.05
CA PRO A 383 -5.33 -10.10 0.08
C PRO A 383 -5.82 -9.78 -1.33
N THR A 384 -4.87 -9.29 -2.13
CA THR A 384 -5.07 -8.91 -3.52
C THR A 384 -4.41 -10.01 -4.30
N VAL A 385 -4.76 -10.12 -5.58
CA VAL A 385 -4.16 -11.13 -6.42
C VAL A 385 -3.83 -10.41 -7.69
N PHE A 386 -2.59 -10.49 -8.14
CA PHE A 386 -2.18 -9.82 -9.35
C PHE A 386 -1.27 -10.70 -10.12
N LEU A 387 -1.16 -10.40 -11.41
CA LEU A 387 -0.32 -11.16 -12.30
C LEU A 387 0.95 -10.39 -12.54
N ALA A 388 2.05 -11.12 -12.69
CA ALA A 388 3.37 -10.54 -12.97
C ALA A 388 3.88 -11.30 -14.18
N PRO A 389 3.60 -10.77 -15.39
CA PRO A 389 4.02 -11.41 -16.64
C PRO A 389 5.50 -11.46 -16.91
N ALA A 390 5.91 -12.46 -17.68
CA ALA A 390 7.30 -12.71 -18.02
C ALA A 390 8.09 -11.45 -18.35
N ALA B 1 -24.06 5.38 -33.14
CA ALA B 1 -23.39 5.81 -31.86
C ALA B 1 -23.90 7.17 -31.34
N ILE B 2 -24.37 7.21 -30.10
CA ILE B 2 -24.87 8.44 -29.54
C ILE B 2 -23.72 9.27 -28.99
N ILE B 3 -23.74 10.57 -29.30
CA ILE B 3 -22.71 11.52 -28.91
C ILE B 3 -22.81 12.25 -27.59
N ARG B 4 -21.77 12.15 -26.78
CA ARG B 4 -21.71 12.88 -25.50
C ARG B 4 -20.84 14.06 -25.84
N LYS B 5 -21.34 15.25 -25.61
CA LYS B 5 -20.52 16.40 -25.94
C LYS B 5 -20.32 17.39 -24.83
N ASN B 6 -19.43 18.34 -25.04
CA ASN B 6 -19.17 19.30 -24.00
C ASN B 6 -20.44 20.05 -23.69
N VAL B 7 -20.82 20.09 -22.43
CA VAL B 7 -22.03 20.82 -22.03
C VAL B 7 -22.11 22.23 -22.61
N ASN B 8 -20.97 22.89 -22.75
CA ASN B 8 -21.03 24.24 -23.26
C ASN B 8 -20.97 24.37 -24.77
N SER B 9 -21.11 23.25 -25.47
CA SER B 9 -21.13 23.25 -26.92
C SER B 9 -22.52 22.79 -27.32
N LEU B 10 -23.42 22.71 -26.35
CA LEU B 10 -24.77 22.29 -26.61
C LEU B 10 -25.61 23.38 -27.30
N THR B 11 -26.44 22.97 -28.25
CA THR B 11 -27.30 23.91 -28.96
C THR B 11 -28.58 24.05 -28.11
N PRO B 12 -29.26 25.20 -28.20
CA PRO B 12 -30.49 25.44 -27.45
C PRO B 12 -31.55 24.35 -27.69
N SER B 13 -31.49 23.73 -28.87
CA SER B 13 -32.41 22.65 -29.15
C SER B 13 -31.92 21.46 -28.31
N ASP B 14 -30.60 21.20 -28.35
CA ASP B 14 -29.98 20.11 -27.59
C ASP B 14 -30.45 20.20 -26.14
N ILE B 15 -30.25 21.38 -25.58
CA ILE B 15 -30.63 21.66 -24.20
C ILE B 15 -32.11 21.37 -23.94
N LYS B 16 -32.96 21.84 -24.84
CA LYS B 16 -34.39 21.63 -24.66
C LYS B 16 -34.75 20.15 -24.64
N GLU B 17 -34.28 19.38 -25.63
CA GLU B 17 -34.59 17.95 -25.68
C GLU B 17 -34.10 17.23 -24.43
N LEU B 18 -32.92 17.64 -23.97
CA LEU B 18 -32.33 17.05 -22.77
C LEU B 18 -33.20 17.35 -21.57
N ARG B 19 -33.51 18.64 -21.38
CA ARG B 19 -34.37 19.01 -20.25
C ARG B 19 -35.70 18.28 -20.29
N ASP B 20 -36.24 18.05 -21.49
CA ASP B 20 -37.51 17.37 -21.63
C ASP B 20 -37.37 15.89 -21.32
N ALA B 21 -36.42 15.22 -21.98
CA ALA B 21 -36.21 13.78 -21.78
C ALA B 21 -35.95 13.52 -20.33
N MET B 22 -35.14 14.37 -19.71
CA MET B 22 -34.81 14.23 -18.29
C MET B 22 -36.03 14.38 -17.41
N ALA B 23 -36.92 15.32 -17.75
CA ALA B 23 -38.14 15.53 -16.97
C ALA B 23 -39.02 14.30 -17.07
N LYS B 24 -39.06 13.68 -18.25
CA LYS B 24 -39.86 12.48 -18.46
C LYS B 24 -39.29 11.28 -17.73
N VAL B 25 -37.96 11.19 -17.67
CA VAL B 25 -37.27 10.12 -16.98
C VAL B 25 -37.55 10.27 -15.51
N GLN B 26 -37.52 11.51 -15.06
CA GLN B 26 -37.77 11.76 -13.66
C GLN B 26 -39.16 11.42 -13.17
N ALA B 27 -40.16 11.63 -14.03
CA ALA B 27 -41.56 11.36 -13.67
C ALA B 27 -41.96 9.90 -13.84
N ASP B 28 -41.19 9.15 -14.61
CA ASP B 28 -41.43 7.74 -14.92
C ASP B 28 -41.30 6.82 -13.68
N THR B 29 -42.32 6.02 -13.38
CA THR B 29 -42.23 5.13 -12.22
C THR B 29 -41.79 3.71 -12.54
N SER B 30 -41.30 3.51 -13.74
CA SER B 30 -40.84 2.17 -14.10
C SER B 30 -39.41 1.89 -13.63
N ASP B 31 -38.99 0.65 -13.81
CA ASP B 31 -37.67 0.19 -13.43
C ASP B 31 -36.60 0.86 -14.26
N ASN B 32 -37.00 1.75 -15.16
CA ASN B 32 -36.05 2.42 -16.00
C ASN B 32 -36.21 3.91 -15.81
N GLY B 33 -36.81 4.27 -14.69
CA GLY B 33 -37.02 5.67 -14.38
C GLY B 33 -35.94 6.15 -13.43
N TYR B 34 -35.89 7.46 -13.22
CA TYR B 34 -34.90 8.09 -12.39
C TYR B 34 -34.70 7.48 -11.02
N GLN B 35 -35.74 7.43 -10.20
CA GLN B 35 -35.59 6.89 -8.86
C GLN B 35 -34.99 5.52 -8.84
N LYS B 36 -35.38 4.72 -9.83
CA LYS B 36 -34.92 3.34 -9.90
C LYS B 36 -33.47 3.23 -10.32
N ILE B 37 -33.04 4.10 -11.23
CA ILE B 37 -31.66 4.07 -11.68
C ILE B 37 -30.74 4.72 -10.63
N ALA B 38 -31.17 5.84 -10.06
CA ALA B 38 -30.39 6.51 -9.04
C ALA B 38 -30.10 5.58 -7.86
N SER B 39 -31.08 4.73 -7.53
CA SER B 39 -30.95 3.74 -6.45
C SER B 39 -29.83 2.74 -6.61
N TYR B 40 -29.35 2.54 -7.83
CA TYR B 40 -28.29 1.59 -8.08
C TYR B 40 -27.03 2.00 -7.32
N HIS B 41 -26.88 3.29 -7.11
CA HIS B 41 -25.70 3.81 -6.47
C HIS B 41 -25.57 3.70 -4.96
N GLY B 42 -26.46 4.36 -4.24
CA GLY B 42 -26.41 4.35 -2.79
C GLY B 42 -27.71 3.85 -2.17
N ILE B 43 -28.53 4.75 -1.62
CA ILE B 43 -29.81 4.37 -1.03
C ILE B 43 -30.97 4.70 -2.00
N PRO B 44 -32.02 3.86 -2.03
CA PRO B 44 -32.14 2.64 -1.20
C PRO B 44 -31.14 1.57 -1.56
N LEU B 45 -30.53 1.00 -0.54
CA LEU B 45 -29.52 -0.04 -0.70
C LEU B 45 -30.11 -1.13 -1.57
N SER B 46 -29.44 -1.44 -2.68
CA SER B 46 -29.96 -2.42 -3.63
C SER B 46 -29.16 -3.71 -3.78
N CYS B 47 -28.11 -3.88 -2.98
CA CYS B 47 -27.27 -5.07 -3.06
C CYS B 47 -27.24 -5.78 -1.73
N HIS B 48 -27.12 -7.10 -1.77
CA HIS B 48 -27.15 -7.86 -0.53
C HIS B 48 -26.05 -8.85 -0.37
N TYR B 49 -25.59 -8.95 0.88
CA TYR B 49 -24.53 -9.88 1.26
C TYR B 49 -25.21 -11.24 1.30
N GLU B 50 -24.42 -12.30 1.33
CA GLU B 50 -24.99 -13.64 1.35
C GLU B 50 -25.95 -13.76 2.53
N ASN B 51 -25.65 -13.04 3.61
CA ASN B 51 -26.47 -13.07 4.84
C ASN B 51 -27.71 -12.17 4.84
N GLY B 52 -28.04 -11.61 3.68
CA GLY B 52 -29.18 -10.74 3.59
C GLY B 52 -28.96 -9.31 4.03
N THR B 53 -27.77 -8.96 4.51
CA THR B 53 -27.54 -7.57 4.91
C THR B 53 -27.32 -6.77 3.60
N ALA B 54 -27.88 -5.57 3.55
CA ALA B 54 -27.78 -4.74 2.36
C ALA B 54 -26.58 -3.83 2.36
N TYR B 55 -26.20 -3.39 1.17
CA TYR B 55 -25.10 -2.45 1.02
C TYR B 55 -25.27 -1.67 -0.25
N ALA B 56 -24.72 -0.46 -0.26
CA ALA B 56 -24.77 0.43 -1.42
C ALA B 56 -24.00 -0.29 -2.52
N CYS B 57 -24.61 -0.44 -3.68
CA CYS B 57 -23.94 -1.16 -4.78
C CYS B 57 -22.73 -0.54 -5.42
N CYS B 58 -22.60 0.78 -5.37
CA CYS B 58 -21.48 1.39 -6.06
C CYS B 58 -20.09 0.96 -5.64
N GLN B 59 -19.26 0.65 -6.63
CA GLN B 59 -17.91 0.21 -6.39
C GLN B 59 -16.97 1.38 -6.35
N HIS B 60 -16.37 1.58 -5.18
CA HIS B 60 -15.43 2.68 -4.97
C HIS B 60 -14.26 2.08 -4.23
N GLY B 61 -13.09 2.72 -4.34
CA GLY B 61 -11.89 2.24 -3.68
C GLY B 61 -11.43 0.92 -4.26
N MET B 62 -11.72 0.70 -5.53
CA MET B 62 -11.35 -0.55 -6.18
C MET B 62 -11.17 -0.34 -7.65
N VAL B 63 -10.38 -1.20 -8.26
CA VAL B 63 -10.05 -1.09 -9.67
C VAL B 63 -11.22 -1.16 -10.62
N THR B 64 -12.39 -1.54 -10.12
CA THR B 64 -13.54 -1.62 -10.99
C THR B 64 -14.46 -0.42 -10.84
N PHE B 65 -13.99 0.62 -10.15
CA PHE B 65 -14.75 1.83 -9.97
C PHE B 65 -15.05 2.45 -11.33
N PRO B 66 -14.05 2.53 -12.23
CA PRO B 66 -14.36 3.11 -13.54
C PRO B 66 -15.46 2.32 -14.26
N ASN B 67 -15.29 1.01 -14.31
CA ASN B 67 -16.22 0.10 -14.98
C ASN B 67 -17.62 0.23 -14.44
N TRP B 68 -17.74 0.13 -13.14
CA TRP B 68 -19.03 0.22 -12.51
C TRP B 68 -19.75 1.51 -12.88
N HIS B 69 -19.07 2.64 -12.77
CA HIS B 69 -19.74 3.90 -13.09
C HIS B 69 -19.94 4.17 -14.58
N ARG B 70 -19.17 3.47 -15.41
CA ARG B 70 -19.32 3.60 -16.84
C ARG B 70 -20.69 3.02 -17.11
N LEU B 71 -20.99 1.89 -16.48
CA LEU B 71 -22.27 1.24 -16.67
C LEU B 71 -23.44 2.02 -16.09
N LEU B 72 -23.26 2.72 -14.96
CA LEU B 72 -24.36 3.47 -14.42
C LEU B 72 -24.68 4.67 -15.28
N THR B 73 -23.66 5.30 -15.87
CA THR B 73 -23.88 6.49 -16.71
C THR B 73 -24.58 6.12 -18.01
N LYS B 74 -24.30 4.93 -18.50
CA LYS B 74 -24.89 4.41 -19.72
C LYS B 74 -26.36 4.07 -19.45
N GLN B 75 -26.64 3.51 -18.28
CA GLN B 75 -28.00 3.13 -17.88
C GLN B 75 -28.88 4.38 -17.93
N MET B 76 -28.43 5.46 -17.31
CA MET B 76 -29.18 6.70 -17.28
C MET B 76 -29.28 7.26 -18.69
N GLU B 77 -28.22 7.09 -19.45
CA GLU B 77 -28.21 7.61 -20.80
C GLU B 77 -29.32 6.95 -21.59
N ASP B 78 -29.32 5.62 -21.64
CA ASP B 78 -30.31 4.86 -22.38
C ASP B 78 -31.73 5.29 -22.07
N ALA B 79 -31.96 5.59 -20.80
CA ALA B 79 -33.25 6.03 -20.31
C ALA B 79 -33.64 7.41 -20.86
N LEU B 80 -32.66 8.28 -21.10
CA LEU B 80 -32.92 9.63 -21.63
C LEU B 80 -33.21 9.54 -23.11
N VAL B 81 -32.42 8.74 -23.79
CA VAL B 81 -32.57 8.53 -25.21
C VAL B 81 -33.93 7.92 -25.51
N ALA B 82 -34.39 7.03 -24.64
CA ALA B 82 -35.70 6.40 -24.80
C ALA B 82 -36.81 7.45 -24.63
N LYS B 83 -36.62 8.44 -23.77
CA LYS B 83 -37.62 9.46 -23.57
C LYS B 83 -37.46 10.60 -24.55
N GLY B 84 -36.83 10.31 -25.67
CA GLY B 84 -36.67 11.33 -26.68
C GLY B 84 -35.39 12.12 -26.84
N SER B 85 -34.34 11.84 -26.07
CA SER B 85 -33.11 12.62 -26.25
C SER B 85 -32.39 12.11 -27.48
N HIS B 86 -31.86 13.03 -28.27
CA HIS B 86 -31.16 12.65 -29.48
C HIS B 86 -29.64 12.72 -29.27
N VAL B 87 -29.30 13.24 -28.09
CA VAL B 87 -27.94 13.45 -27.68
C VAL B 87 -27.68 12.70 -26.35
N GLY B 88 -26.44 12.29 -26.13
CA GLY B 88 -26.11 11.56 -24.92
C GLY B 88 -25.91 12.47 -23.74
N ILE B 89 -25.63 11.89 -22.57
CA ILE B 89 -25.41 12.74 -21.40
C ILE B 89 -24.16 13.57 -21.72
N PRO B 90 -24.28 14.91 -21.68
CA PRO B 90 -23.12 15.74 -21.97
C PRO B 90 -22.11 15.72 -20.82
N TYR B 91 -20.88 16.11 -21.08
CA TYR B 91 -19.89 16.08 -20.02
C TYR B 91 -19.45 17.46 -19.59
N TRP B 92 -19.38 17.69 -18.29
CA TRP B 92 -18.91 18.94 -17.72
C TRP B 92 -17.39 18.81 -17.49
N ASP B 93 -16.61 19.39 -18.38
CA ASP B 93 -15.17 19.31 -18.27
C ASP B 93 -14.63 20.07 -17.07
N TRP B 94 -14.71 19.48 -15.88
CA TRP B 94 -14.23 20.18 -14.69
C TRP B 94 -12.70 20.29 -14.56
N THR B 95 -11.94 19.75 -15.49
CA THR B 95 -10.49 19.91 -15.39
C THR B 95 -10.11 21.26 -16.00
N THR B 96 -11.08 21.91 -16.65
CA THR B 96 -10.92 23.23 -17.25
C THR B 96 -11.46 24.21 -16.21
N THR B 97 -10.74 25.31 -16.03
CA THR B 97 -11.07 26.33 -15.04
C THR B 97 -12.48 26.85 -15.23
N PHE B 98 -13.22 26.97 -14.13
CA PHE B 98 -14.58 27.44 -14.19
C PHE B 98 -14.88 28.32 -13.00
N ALA B 99 -15.65 29.38 -13.22
CA ALA B 99 -16.00 30.30 -12.14
C ALA B 99 -17.36 30.00 -11.58
N ASN B 100 -18.09 29.08 -12.23
CA ASN B 100 -19.44 28.68 -11.79
C ASN B 100 -19.90 27.35 -12.42
N LEU B 101 -20.85 26.70 -11.77
CA LEU B 101 -21.39 25.44 -12.27
C LEU B 101 -22.05 25.72 -13.62
N PRO B 102 -22.06 24.74 -14.52
CA PRO B 102 -22.71 25.01 -15.82
C PRO B 102 -24.17 25.46 -15.71
N VAL B 103 -24.53 26.46 -16.53
CA VAL B 103 -25.90 27.02 -16.55
C VAL B 103 -26.97 25.94 -16.65
N LEU B 104 -26.69 24.90 -17.43
CA LEU B 104 -27.63 23.81 -17.59
C LEU B 104 -28.18 23.36 -16.25
N VAL B 105 -27.33 23.32 -15.23
CA VAL B 105 -27.75 22.85 -13.93
C VAL B 105 -28.09 23.94 -12.92
N THR B 106 -27.77 25.18 -13.27
CA THR B 106 -28.04 26.31 -12.39
C THR B 106 -29.35 27.07 -12.59
N GLU B 107 -29.95 27.00 -13.78
CA GLU B 107 -31.23 27.65 -14.05
C GLU B 107 -32.29 27.04 -13.16
N GLU B 108 -32.97 27.91 -12.42
CA GLU B 108 -33.99 27.48 -11.47
C GLU B 108 -35.32 27.15 -12.09
N LYS B 109 -35.72 27.95 -13.08
CA LYS B 109 -37.03 27.78 -13.72
C LYS B 109 -37.17 26.76 -14.84
N ASP B 110 -38.10 25.82 -14.61
CA ASP B 110 -38.42 24.76 -15.55
C ASP B 110 -37.17 24.04 -16.06
N ASN B 111 -36.35 23.65 -15.09
CA ASN B 111 -35.10 22.97 -15.35
C ASN B 111 -35.07 21.63 -14.61
N SER B 112 -34.98 20.54 -15.36
CA SER B 112 -34.97 19.22 -14.75
C SER B 112 -33.60 18.85 -14.22
N PHE B 113 -32.58 19.61 -14.62
CA PHE B 113 -31.22 19.37 -14.15
C PHE B 113 -30.84 20.16 -12.91
N HIS B 114 -31.71 21.06 -12.47
CA HIS B 114 -31.42 21.87 -11.30
C HIS B 114 -31.50 21.05 -10.00
N HIS B 115 -32.30 20.00 -10.01
CA HIS B 115 -32.44 19.15 -8.82
C HIS B 115 -33.38 17.99 -9.19
N ALA B 116 -33.58 17.08 -8.25
CA ALA B 116 -34.43 15.92 -8.43
C ALA B 116 -34.97 15.65 -7.07
N HIS B 117 -36.03 14.88 -7.01
CA HIS B 117 -36.65 14.58 -5.73
C HIS B 117 -36.03 13.24 -5.30
N ILE B 118 -35.95 13.01 -4.00
CA ILE B 118 -35.40 11.78 -3.46
C ILE B 118 -36.59 11.18 -2.77
N ASP B 119 -37.34 10.38 -3.51
CA ASP B 119 -38.56 9.76 -2.98
C ASP B 119 -38.32 9.20 -1.61
N VAL B 120 -37.34 8.30 -1.50
CA VAL B 120 -37.05 7.68 -0.20
C VAL B 120 -36.85 8.65 0.97
N ALA B 121 -36.24 9.80 0.67
CA ALA B 121 -35.93 10.81 1.69
C ALA B 121 -36.98 11.92 1.76
N ASN B 122 -37.91 11.89 0.82
CA ASN B 122 -38.96 12.88 0.79
C ASN B 122 -38.45 14.30 0.75
N THR B 123 -37.39 14.53 0.00
CA THR B 123 -36.81 15.86 -0.13
C THR B 123 -36.19 15.99 -1.48
N ASP B 124 -35.77 17.21 -1.80
CA ASP B 124 -35.10 17.47 -3.07
C ASP B 124 -33.59 17.55 -2.78
N THR B 125 -32.78 17.20 -3.76
CA THR B 125 -31.34 17.24 -3.59
C THR B 125 -30.84 18.64 -3.27
N THR B 126 -29.70 18.68 -2.58
CA THR B 126 -29.08 19.92 -2.16
C THR B 126 -27.66 20.05 -2.70
N ARG B 127 -27.25 21.29 -2.94
CA ARG B 127 -25.90 21.65 -3.39
C ARG B 127 -25.47 22.75 -2.42
N SER B 128 -24.17 22.84 -2.14
CA SER B 128 -23.65 23.86 -1.22
C SER B 128 -22.16 23.97 -1.55
N PRO B 129 -21.85 24.40 -2.79
CA PRO B 129 -20.47 24.55 -3.26
C PRO B 129 -19.49 25.18 -2.29
N ARG B 130 -18.35 24.52 -2.16
CA ARG B 130 -17.30 25.01 -1.30
C ARG B 130 -16.46 25.91 -2.20
N ALA B 131 -16.04 27.05 -1.65
CA ALA B 131 -15.23 28.01 -2.37
C ALA B 131 -14.01 27.41 -3.08
N GLN B 132 -13.39 26.35 -2.56
CA GLN B 132 -12.23 25.78 -3.25
C GLN B 132 -12.57 25.11 -4.59
N LEU B 133 -13.85 25.12 -4.92
CA LEU B 133 -14.33 24.54 -6.16
C LEU B 133 -14.01 25.46 -7.35
N PHE B 134 -13.94 26.75 -7.06
CA PHE B 134 -13.72 27.74 -8.12
C PHE B 134 -12.34 28.43 -8.18
N SER B 143 -5.30 24.87 -13.48
CA SER B 143 -6.30 24.61 -12.38
C SER B 143 -5.90 23.43 -11.47
N PHE B 144 -6.49 23.34 -10.28
CA PHE B 144 -6.19 22.25 -9.34
C PHE B 144 -6.53 20.87 -9.94
N PHE B 145 -7.69 20.77 -10.58
CA PHE B 145 -8.18 19.53 -11.17
C PHE B 145 -7.34 19.08 -12.36
N TYR B 146 -6.91 20.02 -13.18
CA TYR B 146 -6.09 19.64 -14.30
C TYR B 146 -4.83 18.91 -13.81
N ARG B 147 -4.23 19.46 -12.76
CA ARG B 147 -3.01 18.90 -12.15
C ARG B 147 -3.22 17.49 -11.64
N GLN B 148 -4.29 17.30 -10.88
CA GLN B 148 -4.63 16.02 -10.30
C GLN B 148 -4.85 14.95 -11.38
N ILE B 149 -5.54 15.35 -12.44
CA ILE B 149 -5.87 14.45 -13.55
C ILE B 149 -4.68 14.27 -14.47
N ALA B 150 -3.84 15.28 -14.60
CA ALA B 150 -2.65 15.13 -15.43
C ALA B 150 -1.78 14.03 -14.77
N LEU B 151 -1.70 14.00 -13.44
CA LEU B 151 -0.91 12.95 -12.77
C LEU B 151 -1.53 11.56 -13.00
N ALA B 152 -2.84 11.51 -13.16
CA ALA B 152 -3.50 10.25 -13.44
C ALA B 152 -3.16 9.82 -14.88
N LEU B 153 -3.25 10.74 -15.85
CA LEU B 153 -2.97 10.38 -17.24
C LEU B 153 -1.53 9.98 -17.54
N GLU B 154 -0.62 10.38 -16.66
CA GLU B 154 0.79 10.09 -16.82
C GLU B 154 1.05 8.62 -16.61
N GLN B 155 0.26 8.03 -15.73
CA GLN B 155 0.40 6.60 -15.42
C GLN B 155 0.25 5.69 -16.64
N THR B 156 0.98 4.58 -16.68
CA THR B 156 0.93 3.66 -17.81
C THR B 156 0.35 2.30 -17.42
N ASP B 157 -0.13 2.18 -16.19
CA ASP B 157 -0.72 0.95 -15.74
C ASP B 157 -2.08 1.34 -15.22
N PHE B 158 -3.09 0.58 -15.61
CA PHE B 158 -4.46 0.87 -15.20
C PHE B 158 -4.63 1.04 -13.69
N CYS B 159 -4.05 0.14 -12.93
CA CYS B 159 -4.18 0.19 -11.48
C CYS B 159 -3.59 1.46 -10.86
N ASP B 160 -2.50 1.97 -11.44
CA ASP B 160 -1.91 3.20 -10.94
C ASP B 160 -2.74 4.37 -11.43
N PHE B 161 -3.29 4.26 -12.65
CA PHE B 161 -4.13 5.33 -13.20
C PHE B 161 -5.40 5.44 -12.41
N GLU B 162 -6.04 4.30 -12.18
CA GLU B 162 -7.32 4.24 -11.51
C GLU B 162 -7.38 4.99 -10.22
N ILE B 163 -6.35 4.80 -9.37
CA ILE B 163 -6.33 5.45 -8.06
C ILE B 163 -6.22 6.98 -8.04
N GLN B 164 -5.38 7.55 -8.90
CA GLN B 164 -5.23 9.02 -8.99
C GLN B 164 -6.53 9.54 -9.58
N PHE B 165 -7.00 8.87 -10.61
CA PHE B 165 -8.23 9.19 -11.32
C PHE B 165 -9.44 9.22 -10.38
N GLU B 166 -9.69 8.14 -9.66
CA GLU B 166 -10.82 8.08 -8.75
C GLU B 166 -10.77 9.12 -7.67
N ILE B 167 -9.61 9.30 -7.04
CA ILE B 167 -9.48 10.29 -5.97
C ILE B 167 -9.72 11.71 -6.50
N GLY B 168 -9.24 12.01 -7.71
CA GLY B 168 -9.45 13.33 -8.28
C GLY B 168 -10.94 13.59 -8.44
N HIS B 169 -11.64 12.60 -9.02
CA HIS B 169 -13.07 12.69 -9.27
C HIS B 169 -13.86 12.91 -8.01
N ASN B 170 -13.30 12.49 -6.87
CA ASN B 170 -13.96 12.63 -5.54
C ASN B 170 -14.01 14.09 -5.14
N ALA B 171 -13.11 14.89 -5.69
CA ALA B 171 -13.09 16.31 -5.35
C ALA B 171 -14.36 17.03 -5.80
N ILE B 172 -14.82 16.72 -7.01
CA ILE B 172 -16.04 17.35 -7.54
C ILE B 172 -17.22 17.05 -6.64
N HIS B 173 -17.37 15.80 -6.25
CA HIS B 173 -18.44 15.36 -5.36
C HIS B 173 -18.47 16.19 -4.10
N SER B 174 -17.33 16.18 -3.40
CA SER B 174 -17.17 16.85 -2.13
C SER B 174 -17.43 18.32 -2.11
N TRP B 175 -16.85 19.03 -3.07
CA TRP B 175 -17.00 20.48 -3.12
C TRP B 175 -18.31 20.96 -3.70
N VAL B 176 -19.00 20.13 -4.47
CA VAL B 176 -20.29 20.56 -4.99
C VAL B 176 -21.32 20.36 -3.89
N GLY B 177 -21.35 19.17 -3.30
CA GLY B 177 -22.32 18.90 -2.28
C GLY B 177 -22.04 19.58 -0.96
N GLY B 178 -20.76 19.68 -0.63
CA GLY B 178 -20.38 20.33 0.62
C GLY B 178 -20.99 19.69 1.85
N SER B 179 -21.56 20.51 2.70
CA SER B 179 -22.19 20.01 3.92
C SER B 179 -23.66 19.69 3.75
N SER B 180 -24.25 20.06 2.61
CA SER B 180 -25.67 19.82 2.34
C SER B 180 -25.91 18.31 2.54
N PRO B 181 -26.97 17.96 3.24
CA PRO B 181 -27.37 16.59 3.56
C PRO B 181 -27.83 15.64 2.46
N TYR B 182 -28.21 16.16 1.29
CA TYR B 182 -28.74 15.29 0.24
C TYR B 182 -28.13 15.62 -1.10
N GLY B 183 -26.82 15.84 -1.13
CA GLY B 183 -26.16 16.19 -2.36
C GLY B 183 -25.04 15.27 -2.77
N MET B 184 -24.22 15.81 -3.68
CA MET B 184 -23.07 15.16 -4.28
C MET B 184 -21.94 14.71 -3.37
N SER B 185 -21.97 15.13 -2.11
CA SER B 185 -20.94 14.75 -1.15
C SER B 185 -21.22 13.50 -0.32
N THR B 186 -22.44 12.99 -0.41
CA THR B 186 -22.81 11.79 0.34
C THR B 186 -22.80 10.63 -0.67
N LEU B 187 -22.38 9.46 -0.23
CA LEU B 187 -22.39 8.33 -1.12
C LEU B 187 -23.87 7.96 -1.29
N HIS B 188 -24.64 8.18 -0.24
CA HIS B 188 -26.06 7.86 -0.21
C HIS B 188 -26.98 8.56 -1.21
N TYR B 189 -26.79 9.85 -1.41
CA TYR B 189 -27.63 10.62 -2.29
C TYR B 189 -26.95 11.24 -3.51
N THR B 190 -25.69 10.93 -3.79
CA THR B 190 -25.09 11.58 -4.97
C THR B 190 -25.80 11.38 -6.26
N SER B 191 -26.12 10.12 -6.56
CA SER B 191 -26.74 9.81 -7.82
C SER B 191 -28.07 10.47 -8.09
N TYR B 192 -28.60 11.19 -7.09
CA TYR B 192 -29.89 11.88 -7.25
C TYR B 192 -29.78 13.29 -7.79
N ASP B 193 -28.60 13.89 -7.70
CA ASP B 193 -28.44 15.22 -8.27
C ASP B 193 -28.15 15.01 -9.77
N PRO B 194 -28.96 15.59 -10.68
CA PRO B 194 -28.67 15.38 -12.11
C PRO B 194 -27.23 15.74 -12.52
N LEU B 195 -26.60 16.64 -11.78
CA LEU B 195 -25.22 17.02 -12.08
C LEU B 195 -24.26 15.80 -11.95
N PHE B 196 -24.62 14.85 -11.10
CA PHE B 196 -23.83 13.65 -10.95
C PHE B 196 -23.55 13.03 -12.30
N TYR B 197 -24.54 13.10 -13.18
CA TYR B 197 -24.42 12.50 -14.50
C TYR B 197 -23.52 13.28 -15.46
N LEU B 198 -23.46 14.60 -15.33
CA LEU B 198 -22.59 15.40 -16.21
C LEU B 198 -21.17 15.13 -15.75
N HIS B 199 -21.03 15.00 -14.43
CA HIS B 199 -19.76 14.71 -13.75
C HIS B 199 -19.26 13.35 -14.15
N HIS B 200 -20.14 12.35 -14.16
CA HIS B 200 -19.72 11.03 -14.55
C HIS B 200 -19.51 10.79 -15.97
N SER B 201 -20.14 11.63 -16.78
CA SER B 201 -19.92 11.50 -18.20
C SER B 201 -18.49 12.04 -18.42
N ASN B 202 -18.12 13.08 -17.68
CA ASN B 202 -16.79 13.66 -17.83
C ASN B 202 -15.76 12.69 -17.32
N THR B 203 -16.03 12.09 -16.17
CA THR B 203 -15.17 11.08 -15.54
C THR B 203 -14.95 9.90 -16.53
N ASP B 204 -15.99 9.41 -17.21
CA ASP B 204 -15.84 8.31 -18.17
C ASP B 204 -15.04 8.80 -19.38
N ARG B 205 -15.13 10.09 -19.65
CA ARG B 205 -14.38 10.66 -20.75
C ARG B 205 -12.90 10.68 -20.44
N ILE B 206 -12.54 11.06 -19.21
CA ILE B 206 -11.13 11.06 -18.81
C ILE B 206 -10.57 9.66 -18.96
N TRP B 207 -11.35 8.65 -18.57
CA TRP B 207 -10.91 7.27 -18.73
C TRP B 207 -10.69 6.97 -20.24
N SER B 208 -11.63 7.39 -21.09
CA SER B 208 -11.52 7.16 -22.53
C SER B 208 -10.30 7.85 -23.12
N VAL B 209 -9.96 9.04 -22.62
CA VAL B 209 -8.76 9.77 -23.06
C VAL B 209 -7.55 8.90 -22.72
N TRP B 210 -7.49 8.41 -21.48
CA TRP B 210 -6.40 7.52 -21.03
C TRP B 210 -6.27 6.28 -21.94
N GLN B 211 -7.41 5.67 -22.28
CA GLN B 211 -7.41 4.49 -23.13
C GLN B 211 -6.78 4.80 -24.48
N ALA B 212 -7.06 5.98 -25.02
CA ALA B 212 -6.49 6.42 -26.30
C ALA B 212 -4.98 6.63 -26.18
N LEU B 213 -4.57 7.20 -25.04
CA LEU B 213 -3.16 7.47 -24.77
C LEU B 213 -2.44 6.14 -24.78
N GLN B 214 -2.98 5.18 -24.05
CA GLN B 214 -2.38 3.86 -23.94
C GLN B 214 -2.24 3.17 -25.27
N LYS B 215 -3.25 3.36 -26.09
CA LYS B 215 -3.27 2.81 -27.43
C LYS B 215 -2.09 3.44 -28.16
N TYR B 216 -2.05 4.77 -28.10
CA TYR B 216 -0.99 5.54 -28.73
C TYR B 216 0.39 5.12 -28.18
N ARG B 217 0.44 4.74 -26.91
CA ARG B 217 1.69 4.34 -26.27
C ARG B 217 2.08 2.93 -26.62
N GLY B 218 1.13 2.15 -27.13
CA GLY B 218 1.40 0.78 -27.47
C GLY B 218 1.32 -0.07 -26.21
N LEU B 219 0.59 0.44 -25.22
CA LEU B 219 0.38 -0.24 -23.95
C LEU B 219 -1.07 -0.68 -23.82
N PRO B 220 -1.32 -1.72 -23.02
CA PRO B 220 -2.68 -2.23 -22.84
C PRO B 220 -3.69 -1.23 -22.28
N TYR B 221 -4.95 -1.40 -22.66
CA TYR B 221 -6.02 -0.52 -22.22
C TYR B 221 -7.34 -1.22 -22.00
N ASN B 222 -7.40 -2.52 -22.30
CA ASN B 222 -8.63 -3.30 -22.14
C ASN B 222 -8.52 -4.39 -21.05
N THR B 223 -7.47 -4.30 -20.25
CA THR B 223 -7.26 -5.22 -19.15
C THR B 223 -6.60 -4.53 -17.97
N ALA B 224 -6.42 -5.28 -16.89
CA ALA B 224 -5.77 -4.80 -15.69
C ALA B 224 -4.99 -6.02 -15.15
N ASN B 225 -3.90 -5.75 -14.45
CA ASN B 225 -3.08 -6.81 -13.88
C ASN B 225 -3.30 -6.97 -12.42
N CYS B 226 -4.02 -6.02 -11.81
CA CYS B 226 -4.32 -6.07 -10.38
C CYS B 226 -5.70 -6.66 -10.18
N GLU B 227 -5.96 -7.15 -8.99
CA GLU B 227 -7.25 -7.75 -8.64
C GLU B 227 -7.67 -8.66 -9.80
N ILE B 228 -6.69 -9.42 -10.28
CA ILE B 228 -6.85 -10.31 -11.41
C ILE B 228 -8.06 -11.27 -11.32
N ASN B 229 -8.26 -11.85 -10.14
CA ASN B 229 -9.34 -12.79 -9.93
C ASN B 229 -10.67 -12.03 -9.76
N LYS B 230 -10.59 -10.70 -9.81
CA LYS B 230 -11.77 -9.87 -9.64
C LYS B 230 -12.49 -9.38 -10.91
N LEU B 231 -11.74 -9.08 -11.96
CA LEU B 231 -12.32 -8.56 -13.21
C LEU B 231 -13.38 -9.44 -13.82
N VAL B 232 -13.50 -10.63 -13.27
CA VAL B 232 -14.45 -11.59 -13.78
C VAL B 232 -15.77 -11.58 -13.02
N LYS B 233 -15.79 -10.90 -11.91
CA LYS B 233 -16.97 -10.83 -11.09
C LYS B 233 -18.02 -9.90 -11.67
N PRO B 234 -19.30 -10.23 -11.50
CA PRO B 234 -20.34 -9.37 -12.04
C PRO B 234 -20.33 -8.10 -11.29
N LEU B 235 -20.68 -7.05 -11.99
CA LEU B 235 -20.76 -5.73 -11.40
C LEU B 235 -22.21 -5.57 -10.99
N LYS B 236 -22.53 -5.98 -9.77
CA LYS B 236 -23.89 -5.86 -9.25
C LYS B 236 -24.27 -4.38 -9.20
N PRO B 237 -25.55 -4.04 -9.51
CA PRO B 237 -26.64 -4.97 -9.85
C PRO B 237 -26.96 -5.08 -11.35
N PHE B 238 -26.00 -4.77 -12.21
CA PHE B 238 -26.19 -4.81 -13.65
C PHE B 238 -26.26 -6.22 -14.22
N ASN B 239 -25.67 -7.17 -13.51
CA ASN B 239 -25.66 -8.55 -13.96
C ASN B 239 -27.01 -9.24 -13.66
N LEU B 240 -27.81 -8.67 -12.77
CA LEU B 240 -29.09 -9.28 -12.39
C LEU B 240 -30.09 -9.40 -13.54
N ASP B 241 -30.92 -10.44 -13.50
CA ASP B 241 -31.95 -10.67 -14.52
C ASP B 241 -32.98 -9.55 -14.49
N THR B 242 -33.07 -8.90 -13.33
CA THR B 242 -33.96 -7.79 -13.10
C THR B 242 -33.46 -6.46 -13.69
N ASN B 243 -32.33 -6.50 -14.39
CA ASN B 243 -31.80 -5.31 -15.03
C ASN B 243 -32.53 -5.22 -16.37
N PRO B 244 -33.29 -4.15 -16.54
CA PRO B 244 -34.03 -3.99 -17.78
C PRO B 244 -33.17 -3.61 -18.96
N ASN B 245 -31.92 -3.27 -18.72
CA ASN B 245 -31.05 -2.87 -19.81
C ASN B 245 -30.20 -4.02 -20.28
N ALA B 246 -30.47 -4.49 -21.48
CA ALA B 246 -29.76 -5.63 -22.03
C ALA B 246 -28.30 -5.38 -22.36
N VAL B 247 -27.94 -4.15 -22.74
CA VAL B 247 -26.54 -3.89 -23.07
C VAL B 247 -25.67 -3.86 -21.82
N THR B 248 -26.08 -3.10 -20.81
CA THR B 248 -25.28 -3.06 -19.61
C THR B 248 -25.25 -4.44 -18.98
N LYS B 249 -26.35 -5.18 -19.07
CA LYS B 249 -26.38 -6.52 -18.47
C LYS B 249 -25.43 -7.46 -19.17
N ALA B 250 -25.28 -7.23 -20.48
CA ALA B 250 -24.39 -8.04 -21.29
C ALA B 250 -22.91 -7.75 -21.02
N HIS B 251 -22.59 -6.55 -20.52
CA HIS B 251 -21.24 -6.12 -20.20
C HIS B 251 -21.16 -5.87 -18.72
N SER B 252 -21.62 -6.83 -17.94
CA SER B 252 -21.64 -6.65 -16.49
C SER B 252 -20.48 -7.23 -15.72
N THR B 253 -19.31 -7.34 -16.33
CA THR B 253 -18.16 -7.84 -15.58
C THR B 253 -17.09 -6.81 -15.91
N GLY B 254 -16.13 -6.62 -15.01
CA GLY B 254 -15.07 -5.65 -15.26
C GLY B 254 -14.41 -6.00 -16.56
N ALA B 255 -14.21 -7.29 -16.79
CA ALA B 255 -13.55 -7.74 -18.00
C ALA B 255 -14.31 -7.42 -19.29
N THR B 256 -15.61 -7.23 -19.18
CA THR B 256 -16.45 -6.90 -20.34
C THR B 256 -16.82 -5.42 -20.49
N SER B 257 -16.40 -4.57 -19.56
CA SER B 257 -16.74 -3.16 -19.61
C SER B 257 -15.60 -2.19 -19.98
N PHE B 258 -14.49 -2.72 -20.47
CA PHE B 258 -13.38 -1.84 -20.82
C PHE B 258 -13.63 -1.09 -22.12
N ASP B 259 -14.29 -1.75 -23.06
CA ASP B 259 -14.56 -1.18 -24.37
C ASP B 259 -15.88 -0.44 -24.44
N TYR B 260 -15.82 0.89 -24.38
CA TYR B 260 -17.05 1.68 -24.43
C TYR B 260 -17.75 1.66 -25.78
N HIS B 261 -17.01 1.36 -26.84
CA HIS B 261 -17.55 1.33 -28.18
C HIS B 261 -18.64 0.29 -28.36
N LYS B 262 -18.53 -0.79 -27.59
CA LYS B 262 -19.51 -1.85 -27.60
C LYS B 262 -20.73 -1.40 -26.83
N LEU B 263 -20.62 -0.26 -26.16
CA LEU B 263 -21.74 0.27 -25.41
C LEU B 263 -22.58 1.25 -26.20
N GLY B 264 -22.21 1.49 -27.46
CA GLY B 264 -23.00 2.39 -28.31
C GLY B 264 -22.99 3.90 -28.12
N TYR B 265 -21.91 4.45 -27.60
CA TYR B 265 -21.81 5.90 -27.43
C TYR B 265 -20.39 6.29 -27.78
N ASP B 266 -20.17 7.59 -27.86
CA ASP B 266 -18.86 8.07 -28.18
C ASP B 266 -18.90 9.51 -27.77
N TYR B 267 -17.74 10.15 -27.75
CA TYR B 267 -17.65 11.54 -27.33
C TYR B 267 -17.45 12.44 -28.54
N ASP B 268 -17.78 13.73 -28.38
CA ASP B 268 -17.56 14.64 -29.50
C ASP B 268 -16.08 14.54 -29.87
N ASN B 269 -15.22 14.43 -28.87
CA ASN B 269 -13.78 14.26 -29.11
C ASN B 269 -13.04 13.91 -27.85
N LEU B 270 -11.79 13.46 -28.00
CA LEU B 270 -10.93 13.07 -26.88
C LEU B 270 -9.77 14.06 -26.72
N ASN B 271 -9.98 15.32 -27.06
CA ASN B 271 -8.95 16.33 -26.94
C ASN B 271 -8.88 16.85 -25.55
N PHE B 272 -7.91 16.37 -24.78
CA PHE B 272 -7.75 16.84 -23.44
C PHE B 272 -7.12 18.22 -23.40
N HIS B 273 -7.89 19.19 -22.92
CA HIS B 273 -7.45 20.56 -22.81
C HIS B 273 -6.99 21.06 -24.18
N GLY B 274 -7.81 20.78 -25.19
CA GLY B 274 -7.48 21.21 -26.54
C GLY B 274 -6.25 20.56 -27.17
N MET B 275 -5.67 19.56 -26.51
CA MET B 275 -4.50 18.90 -27.07
C MET B 275 -4.86 17.58 -27.73
N THR B 276 -4.27 17.28 -28.88
CA THR B 276 -4.58 16.00 -29.50
C THR B 276 -3.86 14.96 -28.69
N ILE B 277 -4.23 13.71 -28.87
CA ILE B 277 -3.59 12.63 -28.13
C ILE B 277 -2.05 12.64 -28.26
N PRO B 278 -1.52 12.79 -29.48
CA PRO B 278 -0.05 12.80 -29.51
C PRO B 278 0.52 14.04 -28.84
N GLU B 279 -0.26 15.12 -28.81
CA GLU B 279 0.19 16.35 -28.19
C GLU B 279 0.20 16.18 -26.68
N LEU B 280 -0.83 15.55 -26.15
CA LEU B 280 -0.95 15.33 -24.72
C LEU B 280 0.24 14.48 -24.21
N GLU B 281 0.62 13.49 -24.99
CA GLU B 281 1.69 12.59 -24.64
C GLU B 281 2.99 13.36 -24.49
N GLU B 282 3.25 14.24 -25.45
CA GLU B 282 4.46 15.05 -25.42
C GLU B 282 4.44 15.92 -24.17
N HIS B 283 3.25 16.40 -23.83
CA HIS B 283 3.07 17.26 -22.69
C HIS B 283 3.31 16.52 -21.38
N LEU B 284 2.87 15.28 -21.28
CA LEU B 284 3.05 14.53 -20.06
C LEU B 284 4.52 14.16 -19.92
N LYS B 285 5.19 13.90 -21.03
CA LYS B 285 6.60 13.58 -20.98
C LYS B 285 7.40 14.74 -20.41
N GLU B 286 7.13 15.97 -20.85
CA GLU B 286 7.84 17.16 -20.36
C GLU B 286 7.81 17.25 -18.83
N ILE B 287 6.68 16.85 -18.27
CA ILE B 287 6.44 16.88 -16.83
C ILE B 287 7.39 15.97 -16.06
N GLN B 288 7.79 14.89 -16.73
CA GLN B 288 8.66 13.87 -16.18
C GLN B 288 10.12 14.15 -16.35
N HIS B 289 10.42 15.24 -17.04
CA HIS B 289 11.79 15.61 -17.27
C HIS B 289 12.27 16.41 -16.08
N GLU B 290 11.42 16.57 -15.08
CA GLU B 290 11.78 17.31 -13.88
C GLU B 290 11.78 16.32 -12.72
N ASP B 291 12.62 16.56 -11.71
CA ASP B 291 12.69 15.71 -10.52
C ASP B 291 11.47 16.09 -9.68
N ARG B 292 10.76 15.13 -9.12
CA ARG B 292 9.59 15.45 -8.32
C ARG B 292 9.61 14.75 -7.00
N VAL B 293 8.98 15.34 -6.00
CA VAL B 293 8.92 14.74 -4.68
C VAL B 293 7.44 14.51 -4.44
N PHE B 294 7.09 13.34 -3.90
CA PHE B 294 5.69 13.04 -3.67
C PHE B 294 5.42 12.61 -2.24
N ALA B 295 4.18 12.82 -1.82
CA ALA B 295 3.70 12.32 -0.54
C ALA B 295 2.81 11.21 -1.06
N GLY B 296 2.79 10.07 -0.38
CA GLY B 296 2.00 8.94 -0.80
C GLY B 296 1.12 8.56 0.36
N PHE B 297 -0.17 8.36 0.12
CA PHE B 297 -1.12 7.99 1.16
C PHE B 297 -1.80 6.62 0.96
N LEU B 298 -1.87 5.79 2.02
CA LEU B 298 -2.51 4.48 1.96
C LEU B 298 -3.90 4.76 2.48
N LEU B 299 -4.91 4.57 1.62
CA LEU B 299 -6.29 4.85 1.97
C LEU B 299 -7.17 3.62 2.07
N ARG B 300 -8.14 3.67 2.96
CA ARG B 300 -9.06 2.55 3.16
C ARG B 300 -10.37 3.10 3.71
N THR B 301 -11.45 2.34 3.60
CA THR B 301 -12.76 2.75 4.10
C THR B 301 -12.75 3.41 5.48
N ILE B 302 -13.47 4.52 5.63
CA ILE B 302 -13.59 5.17 6.94
C ILE B 302 -15.08 5.31 7.29
N GLY B 303 -15.93 4.69 6.44
CA GLY B 303 -17.37 4.68 6.64
C GLY B 303 -18.05 6.03 6.57
N GLN B 304 -17.44 6.96 5.83
CA GLN B 304 -17.97 8.31 5.68
C GLN B 304 -17.11 9.05 4.68
N SER B 305 -17.59 10.21 4.28
CA SER B 305 -16.85 11.01 3.34
C SER B 305 -15.96 11.93 4.17
N ALA B 306 -14.81 12.33 3.64
CA ALA B 306 -13.91 13.20 4.38
C ALA B 306 -12.97 13.88 3.43
N ASP B 307 -12.54 15.07 3.82
CA ASP B 307 -11.57 15.85 3.05
C ASP B 307 -10.28 15.85 3.87
N VAL B 308 -9.17 15.68 3.19
CA VAL B 308 -7.87 15.65 3.84
C VAL B 308 -7.07 16.85 3.37
N ASN B 309 -6.43 17.52 4.33
CA ASN B 309 -5.62 18.72 4.08
C ASN B 309 -4.31 18.42 4.79
N PHE B 310 -3.20 18.86 4.22
CA PHE B 310 -1.92 18.63 4.86
C PHE B 310 -0.95 19.72 4.53
N ASP B 311 -0.07 20.02 5.48
CA ASP B 311 0.95 21.05 5.27
C ASP B 311 2.30 20.43 5.43
N VAL B 312 3.26 20.98 4.69
CA VAL B 312 4.64 20.52 4.76
C VAL B 312 5.25 21.53 5.74
N CYS B 313 6.08 21.05 6.67
CA CYS B 313 6.71 21.92 7.66
C CYS B 313 8.17 21.62 7.86
N THR B 314 8.96 22.68 7.93
CA THR B 314 10.36 22.53 8.21
C THR B 314 10.39 22.15 9.70
N LYS B 315 11.48 21.52 10.12
CA LYS B 315 11.64 21.07 11.51
C LYS B 315 11.34 22.14 12.57
N ASP B 316 11.76 23.36 12.27
CA ASP B 316 11.56 24.49 13.15
C ASP B 316 10.08 24.86 13.26
N GLY B 317 9.23 24.32 12.41
CA GLY B 317 7.81 24.62 12.50
C GLY B 317 7.27 25.64 11.51
N GLU B 318 8.01 25.95 10.47
CA GLU B 318 7.51 26.87 9.43
C GLU B 318 6.74 25.95 8.46
N CYS B 319 5.47 26.26 8.19
CA CYS B 319 4.66 25.41 7.29
C CYS B 319 4.10 26.08 6.05
N THR B 320 3.73 25.27 5.07
CA THR B 320 3.12 25.75 3.85
C THR B 320 2.18 24.64 3.37
N PHE B 321 1.09 25.06 2.76
CA PHE B 321 0.09 24.16 2.28
C PHE B 321 0.68 23.09 1.35
N GLY B 322 0.38 21.83 1.69
CA GLY B 322 0.84 20.69 0.90
C GLY B 322 -0.20 20.33 -0.16
N GLY B 323 -1.44 20.06 0.26
CA GLY B 323 -2.47 19.73 -0.70
C GLY B 323 -3.76 19.25 -0.06
N THR B 324 -4.73 18.87 -0.91
CA THR B 324 -6.04 18.37 -0.49
C THR B 324 -6.56 17.26 -1.38
N PHE B 325 -7.25 16.30 -0.78
CA PHE B 325 -7.87 15.22 -1.53
C PHE B 325 -9.10 14.79 -0.77
N CYS B 326 -10.05 14.16 -1.43
CA CYS B 326 -11.27 13.78 -0.76
C CYS B 326 -11.58 12.31 -0.86
N ILE B 327 -12.40 11.86 0.07
CA ILE B 327 -12.82 10.48 0.12
C ILE B 327 -14.35 10.49 0.15
N LEU B 328 -14.98 9.83 -0.81
CA LEU B 328 -16.44 9.77 -0.90
C LEU B 328 -16.84 8.48 -0.21
N GLY B 329 -17.76 8.55 0.72
CA GLY B 329 -18.17 7.33 1.38
C GLY B 329 -19.41 7.53 2.20
N GLY B 330 -19.85 6.47 2.87
CA GLY B 330 -21.01 6.54 3.70
C GLY B 330 -21.26 5.25 4.42
N GLU B 331 -22.18 5.28 5.36
CA GLU B 331 -22.57 4.12 6.11
C GLU B 331 -23.04 3.05 5.11
N HIS B 332 -22.84 1.79 5.43
CA HIS B 332 -23.25 0.69 4.54
C HIS B 332 -22.47 0.57 3.24
N GLU B 333 -21.36 1.31 3.11
CA GLU B 333 -20.55 1.16 1.91
C GLU B 333 -19.86 -0.19 2.06
N MET B 334 -19.40 -0.76 0.96
CA MET B 334 -18.70 -2.04 1.03
C MET B 334 -17.26 -1.73 1.43
N PHE B 335 -16.61 -2.71 2.07
CA PHE B 335 -15.23 -2.55 2.49
C PHE B 335 -14.32 -2.34 1.27
N TRP B 336 -13.38 -1.42 1.42
CA TRP B 336 -12.40 -1.12 0.38
C TRP B 336 -11.11 -0.59 1.01
N ALA B 337 -9.98 -0.97 0.42
CA ALA B 337 -8.64 -0.54 0.80
C ALA B 337 -7.83 -0.64 -0.49
N PHE B 338 -7.25 0.45 -0.95
CA PHE B 338 -6.47 0.37 -2.20
C PHE B 338 -5.26 -0.47 -1.93
N ASP B 339 -4.66 -1.02 -2.97
CA ASP B 339 -3.52 -1.89 -2.76
C ASP B 339 -2.19 -1.19 -3.02
N ARG B 340 -2.21 0.12 -3.15
CA ARG B 340 -1.02 0.89 -3.47
C ARG B 340 -1.24 2.28 -2.96
N LEU B 341 -0.20 3.12 -3.03
CA LEU B 341 -0.30 4.50 -2.56
C LEU B 341 -0.94 5.46 -3.58
N PHE B 342 -1.62 6.46 -3.05
CA PHE B 342 -2.21 7.51 -3.83
C PHE B 342 -1.11 8.56 -3.75
N LYS B 343 -0.62 9.01 -4.90
CA LYS B 343 0.45 10.00 -4.98
C LYS B 343 -0.02 11.44 -5.10
N TYR B 344 0.68 12.34 -4.40
CA TYR B 344 0.40 13.77 -4.45
C TYR B 344 1.74 14.50 -4.58
N ASP B 345 1.92 15.21 -5.68
CA ASP B 345 3.14 15.97 -5.93
C ASP B 345 3.31 17.17 -4.97
N ILE B 346 4.37 17.19 -4.16
CA ILE B 346 4.61 18.32 -3.23
C ILE B 346 5.90 19.09 -3.54
N THR B 347 6.43 18.88 -4.75
CA THR B 347 7.65 19.53 -5.23
C THR B 347 7.66 21.04 -4.95
N THR B 348 6.50 21.65 -5.18
CA THR B 348 6.28 23.09 -4.99
C THR B 348 6.33 23.57 -3.55
N SER B 349 5.76 22.81 -2.62
CA SER B 349 5.80 23.20 -1.22
C SER B 349 7.22 23.12 -0.69
N LEU B 350 7.98 22.11 -1.12
CA LEU B 350 9.35 21.98 -0.67
C LEU B 350 10.13 23.18 -1.14
N LYS B 351 10.07 23.48 -2.44
CA LYS B 351 10.80 24.61 -3.05
C LYS B 351 10.50 25.89 -2.27
N HIS B 352 9.31 25.94 -1.71
CA HIS B 352 8.87 27.09 -0.96
C HIS B 352 9.54 27.23 0.38
N LEU B 353 9.52 26.17 1.17
CA LEU B 353 10.18 26.18 2.46
C LEU B 353 11.69 26.09 2.21
N ARG B 354 12.08 26.00 0.93
CA ARG B 354 13.47 25.87 0.51
C ARG B 354 14.05 24.53 1.00
N LEU B 355 13.19 23.53 1.11
CA LEU B 355 13.60 22.23 1.56
C LEU B 355 14.15 21.37 0.44
N ASP B 356 15.13 20.54 0.78
CA ASP B 356 15.77 19.62 -0.16
C ASP B 356 15.07 18.29 0.13
N ALA B 357 15.15 17.35 -0.81
CA ALA B 357 14.52 16.07 -0.59
C ALA B 357 15.05 15.38 0.68
N HIS B 358 16.36 15.47 0.96
CA HIS B 358 16.85 14.84 2.17
C HIS B 358 16.57 15.59 3.43
N ASP B 359 16.21 16.85 3.33
CA ASP B 359 15.94 17.59 4.53
C ASP B 359 14.89 16.91 5.34
N ASP B 360 15.00 17.04 6.64
CA ASP B 360 14.05 16.46 7.55
C ASP B 360 12.97 17.54 7.67
N PHE B 361 11.75 17.16 7.32
CA PHE B 361 10.60 18.03 7.40
C PHE B 361 9.44 17.11 7.76
N ASP B 362 8.33 17.69 8.18
CA ASP B 362 7.14 16.90 8.56
C ASP B 362 5.96 17.25 7.66
N ILE B 363 5.03 16.31 7.59
CA ILE B 363 3.81 16.52 6.82
C ILE B 363 2.75 16.47 7.91
N LYS B 364 1.96 17.55 8.03
CA LYS B 364 0.88 17.64 9.02
C LYS B 364 -0.47 17.38 8.33
N VAL B 365 -1.20 16.37 8.81
CA VAL B 365 -2.45 15.95 8.23
C VAL B 365 -3.63 16.22 9.12
N THR B 366 -4.69 16.79 8.54
CA THR B 366 -5.93 17.10 9.25
C THR B 366 -7.08 16.50 8.46
N ILE B 367 -7.81 15.54 9.06
CA ILE B 367 -8.94 14.90 8.38
C ILE B 367 -10.22 15.54 8.83
N LYS B 368 -11.02 16.03 7.91
CA LYS B 368 -12.28 16.67 8.29
C LYS B 368 -13.49 16.04 7.63
N GLY B 369 -14.51 15.85 8.46
CA GLY B 369 -15.78 15.33 7.99
C GLY B 369 -16.40 16.42 7.13
N ILE B 370 -17.45 16.08 6.38
CA ILE B 370 -18.08 17.05 5.48
C ILE B 370 -18.79 18.14 6.24
N ASP B 371 -19.19 17.82 7.46
CA ASP B 371 -19.88 18.80 8.28
C ASP B 371 -18.88 19.85 8.74
N GLY B 372 -17.64 19.42 9.01
CA GLY B 372 -16.61 20.33 9.46
C GLY B 372 -15.88 19.82 10.70
N HIS B 373 -16.29 18.66 11.18
CA HIS B 373 -15.69 18.08 12.36
C HIS B 373 -14.42 17.32 12.06
N VAL B 374 -13.38 17.62 12.84
CA VAL B 374 -12.11 16.95 12.65
C VAL B 374 -12.21 15.50 13.09
N LEU B 375 -11.79 14.61 12.20
CA LEU B 375 -11.80 13.19 12.49
C LEU B 375 -10.41 12.77 12.96
N SER B 376 -10.38 11.60 13.58
CA SER B 376 -9.15 11.05 14.12
C SER B 376 -8.08 10.76 13.07
N ASN B 377 -6.86 11.23 13.33
CA ASN B 377 -5.73 11.00 12.42
C ASN B 377 -5.31 9.53 12.39
N LYS B 378 -6.11 8.73 13.06
CA LYS B 378 -5.93 7.31 13.18
C LYS B 378 -6.52 6.58 11.96
N TYR B 379 -7.43 7.24 11.25
CA TYR B 379 -8.07 6.66 10.06
C TYR B 379 -7.03 6.50 8.96
N LEU B 380 -6.08 7.42 8.92
CA LEU B 380 -5.02 7.44 7.90
C LEU B 380 -3.60 7.20 8.46
N SER B 381 -2.87 6.26 7.87
CA SER B 381 -1.50 6.03 8.31
C SER B 381 -0.72 7.26 7.87
N PRO B 382 0.45 7.46 8.51
CA PRO B 382 1.30 8.60 8.17
C PRO B 382 1.79 8.47 6.72
N PRO B 383 1.87 9.60 5.98
CA PRO B 383 2.34 9.53 4.58
C PRO B 383 3.82 9.20 4.34
N THR B 384 4.08 8.60 3.18
CA THR B 384 5.39 8.23 2.67
C THR B 384 5.86 9.41 1.83
N VAL B 385 7.15 9.69 1.79
CA VAL B 385 7.65 10.79 0.97
C VAL B 385 8.67 10.12 0.07
N PHE B 386 8.57 10.32 -1.23
CA PHE B 386 9.54 9.68 -2.10
C PHE B 386 9.95 10.58 -3.23
N LEU B 387 11.10 10.31 -3.82
CA LEU B 387 11.57 11.16 -4.89
C LEU B 387 11.42 10.41 -6.18
N ALA B 388 10.98 11.13 -7.21
CA ALA B 388 10.79 10.61 -8.55
C ALA B 388 11.66 11.46 -9.45
N PRO B 389 12.87 11.01 -9.69
CA PRO B 389 13.83 11.73 -10.55
C PRO B 389 13.42 11.82 -12.02
N ALA B 390 14.05 12.75 -12.74
CA ALA B 390 13.81 13.01 -14.17
C ALA B 390 13.77 11.78 -15.06
#